data_3BPU
# 
_entry.id   3BPU 
# 
_audit_conform.dict_name       mmcif_pdbx.dic 
_audit_conform.dict_version    5.377 
_audit_conform.dict_location   http://mmcif.pdb.org/dictionaries/ascii/mmcif_pdbx.dic 
# 
loop_
_database_2.database_id 
_database_2.database_code 
_database_2.pdbx_database_accession 
_database_2.pdbx_DOI 
PDB   3BPU         pdb_00003bpu 10.2210/pdb3bpu/pdb 
RCSB  RCSB045817   ?            ?                   
WWPDB D_1000045817 ?            ?                   
# 
_pdbx_database_status.status_code                     REL 
_pdbx_database_status.entry_id                        3BPU 
_pdbx_database_status.recvd_initial_deposition_date   2007-12-19 
_pdbx_database_status.deposit_site                    RCSB 
_pdbx_database_status.process_site                    RCSB 
_pdbx_database_status.status_code_sf                  REL 
_pdbx_database_status.status_code_mr                  ? 
_pdbx_database_status.SG_entry                        Y 
_pdbx_database_status.pdb_format_compatible           Y 
_pdbx_database_status.status_code_cs                  ? 
_pdbx_database_status.methods_development_category    ? 
_pdbx_database_status.status_code_nmr_data            ? 
# 
loop_
_audit_author.name 
_audit_author.pdbx_ordinal 
'Pilka, E.S.'                          1  
'Hozjan, V.'                           2  
'Cooper, C.'                           3  
'Pike, A.C.W.'                         4  
'Elkins, J.'                           5  
'Doyle, D.A.'                          6  
'von Delft, F.'                        7  
'Arrowsmith, C.H.'                     8  
'Edwards, A.M.'                        9  
'Weigelt, J.'                          10 
'Oppermann, U.'                        11 
'Structural Genomics Consortium (SGC)' 12 
# 
_citation.id                        primary 
_citation.title                     
'Crystal structure of the 3rd PDZ domain of human membrane associated guanylate kinase, C677S and C709S double mutant.' 
_citation.journal_abbrev            'To be Published' 
_citation.journal_volume            ? 
_citation.page_first                ? 
_citation.page_last                 ? 
_citation.year                      ? 
_citation.journal_id_ASTM           ? 
_citation.country                   ? 
_citation.journal_id_ISSN           ? 
_citation.journal_id_CSD            0353 
_citation.book_publisher            ? 
_citation.pdbx_database_id_PubMed   ? 
_citation.pdbx_database_id_DOI      ? 
# 
loop_
_citation_author.citation_id 
_citation_author.name 
_citation_author.ordinal 
_citation_author.identifier_ORCID 
primary 'Pilka, E.S.'      1  ? 
primary 'Hozjan, V.'       2  ? 
primary 'Cooper, C.'       3  ? 
primary 'Pike, A.C.W.'     4  ? 
primary 'Elkins, J.'       5  ? 
primary 'Doyle, D.A.'      6  ? 
primary 'von Delft, F.'    7  ? 
primary 'Arrowsmith, C.H.' 8  ? 
primary 'Edwards, A.M.'    9  ? 
primary 'Weigelt, J.'      10 ? 
primary 'Oppermann, U.'    11 ? 
# 
_cell.entry_id           3BPU 
_cell.length_a           32.472 
_cell.length_b           61.578 
_cell.length_c           80.113 
_cell.angle_alpha        90.00 
_cell.angle_beta         90.00 
_cell.angle_gamma        90.00 
_cell.Z_PDB              8 
_cell.pdbx_unique_axis   ? 
_cell.length_a_esd       ? 
_cell.length_b_esd       ? 
_cell.length_c_esd       ? 
_cell.angle_alpha_esd    ? 
_cell.angle_beta_esd     ? 
_cell.angle_gamma_esd    ? 
# 
_symmetry.entry_id                         3BPU 
_symmetry.space_group_name_H-M             'C 2 2 21' 
_symmetry.pdbx_full_space_group_name_H-M   ? 
_symmetry.cell_setting                     ? 
_symmetry.Int_Tables_number                20 
_symmetry.space_group_name_Hall            ? 
# 
loop_
_entity.id 
_entity.type 
_entity.src_method 
_entity.pdbx_description 
_entity.formula_weight 
_entity.pdbx_number_of_molecules 
_entity.pdbx_ec 
_entity.pdbx_mutation 
_entity.pdbx_fragment 
_entity.details 
1 polymer     man 'Membrane-associated guanylate kinase, WW and PDZ domain-containing protein 1' 9550.030 1  ? 'C677S, C709S' 
'3rd PDZ domain: Residues 640-721' ? 
2 non-polymer syn 'ZINC ION'                                                                     65.409   2  ? ?              ? ? 
3 water       nat water                                                                          18.015   72 ? ?              ? ? 
# 
_entity_name_com.entity_id   1 
_entity_name_com.name        
;BAI1-associated protein 1, BAP-1, Membrane-associated guanylate kinase inverted 1, MAGI-1, Atrophin-1-interacting protein 3, AIP3, WW domain-containing protein 3, WWP3, Trinucleotide repeat-containing gene 19 protein
;
# 
_entity_poly.entity_id                      1 
_entity_poly.type                           'polypeptide(L)' 
_entity_poly.nstd_linkage                   no 
_entity_poly.nstd_monomer                   no 
_entity_poly.pdbx_seq_one_letter_code       
;SMELITVHIVKGPMGFGFTIADSPGGGGQRVKQIVDSPRSRGLKEGDLIVEVNKKNVQALTHNQVVDMLVESPKGSEVTL
LVQRQTRL
;
_entity_poly.pdbx_seq_one_letter_code_can   
;SMELITVHIVKGPMGFGFTIADSPGGGGQRVKQIVDSPRSRGLKEGDLIVEVNKKNVQALTHNQVVDMLVESPKGSEVTL
LVQRQTRL
;
_entity_poly.pdbx_strand_id                 A 
_entity_poly.pdbx_target_identifier         ? 
# 
loop_
_entity_poly_seq.entity_id 
_entity_poly_seq.num 
_entity_poly_seq.mon_id 
_entity_poly_seq.hetero 
1 1  SER n 
1 2  MET n 
1 3  GLU n 
1 4  LEU n 
1 5  ILE n 
1 6  THR n 
1 7  VAL n 
1 8  HIS n 
1 9  ILE n 
1 10 VAL n 
1 11 LYS n 
1 12 GLY n 
1 13 PRO n 
1 14 MET n 
1 15 GLY n 
1 16 PHE n 
1 17 GLY n 
1 18 PHE n 
1 19 THR n 
1 20 ILE n 
1 21 ALA n 
1 22 ASP n 
1 23 SER n 
1 24 PRO n 
1 25 GLY n 
1 26 GLY n 
1 27 GLY n 
1 28 GLY n 
1 29 GLN n 
1 30 ARG n 
1 31 VAL n 
1 32 LYS n 
1 33 GLN n 
1 34 ILE n 
1 35 VAL n 
1 36 ASP n 
1 37 SER n 
1 38 PRO n 
1 39 ARG n 
1 40 SER n 
1 41 ARG n 
1 42 GLY n 
1 43 LEU n 
1 44 LYS n 
1 45 GLU n 
1 46 GLY n 
1 47 ASP n 
1 48 LEU n 
1 49 ILE n 
1 50 VAL n 
1 51 GLU n 
1 52 VAL n 
1 53 ASN n 
1 54 LYS n 
1 55 LYS n 
1 56 ASN n 
1 57 VAL n 
1 58 GLN n 
1 59 ALA n 
1 60 LEU n 
1 61 THR n 
1 62 HIS n 
1 63 ASN n 
1 64 GLN n 
1 65 VAL n 
1 66 VAL n 
1 67 ASP n 
1 68 MET n 
1 69 LEU n 
1 70 VAL n 
1 71 GLU n 
1 72 SER n 
1 73 PRO n 
1 74 LYS n 
1 75 GLY n 
1 76 SER n 
1 77 GLU n 
1 78 VAL n 
1 79 THR n 
1 80 LEU n 
1 81 LEU n 
1 82 VAL n 
1 83 GLN n 
1 84 ARG n 
1 85 GLN n 
1 86 THR n 
1 87 ARG n 
1 88 LEU n 
# 
_entity_src_gen.entity_id                          1 
_entity_src_gen.pdbx_src_id                        1 
_entity_src_gen.pdbx_alt_source_flag               sample 
_entity_src_gen.pdbx_seq_type                      ? 
_entity_src_gen.pdbx_beg_seq_num                   ? 
_entity_src_gen.pdbx_end_seq_num                   ? 
_entity_src_gen.gene_src_common_name               human 
_entity_src_gen.gene_src_genus                     Homo 
_entity_src_gen.pdbx_gene_src_gene                 'MAGI1, BAIAP1, BAP1, TNRC19' 
_entity_src_gen.gene_src_species                   ? 
_entity_src_gen.gene_src_strain                    ? 
_entity_src_gen.gene_src_tissue                    Brain 
_entity_src_gen.gene_src_tissue_fraction           ? 
_entity_src_gen.gene_src_details                   ? 
_entity_src_gen.pdbx_gene_src_fragment             ? 
_entity_src_gen.pdbx_gene_src_scientific_name      'Homo sapiens' 
_entity_src_gen.pdbx_gene_src_ncbi_taxonomy_id     9606 
_entity_src_gen.pdbx_gene_src_variant              ? 
_entity_src_gen.pdbx_gene_src_cell_line            ? 
_entity_src_gen.pdbx_gene_src_atcc                 ? 
_entity_src_gen.pdbx_gene_src_organ                ? 
_entity_src_gen.pdbx_gene_src_organelle            ? 
_entity_src_gen.pdbx_gene_src_cell                 ? 
_entity_src_gen.pdbx_gene_src_cellular_location    ? 
_entity_src_gen.host_org_common_name               ? 
_entity_src_gen.pdbx_host_org_scientific_name      'Escherichia coli' 
_entity_src_gen.pdbx_host_org_ncbi_taxonomy_id     562 
_entity_src_gen.host_org_genus                     Escherichia 
_entity_src_gen.pdbx_host_org_gene                 ? 
_entity_src_gen.pdbx_host_org_organ                ? 
_entity_src_gen.host_org_species                   ? 
_entity_src_gen.pdbx_host_org_tissue               ? 
_entity_src_gen.pdbx_host_org_tissue_fraction      ? 
_entity_src_gen.pdbx_host_org_strain               'BL21(DE3)-R3-pRARE2' 
_entity_src_gen.pdbx_host_org_variant              ? 
_entity_src_gen.pdbx_host_org_cell_line            ? 
_entity_src_gen.pdbx_host_org_atcc                 ? 
_entity_src_gen.pdbx_host_org_culture_collection   ? 
_entity_src_gen.pdbx_host_org_cell                 ? 
_entity_src_gen.pdbx_host_org_organelle            ? 
_entity_src_gen.pdbx_host_org_cellular_location    ? 
_entity_src_gen.pdbx_host_org_vector_type          Plasmid 
_entity_src_gen.pdbx_host_org_vector               ? 
_entity_src_gen.host_org_details                   ? 
_entity_src_gen.expression_system_id               ? 
_entity_src_gen.plasmid_name                       pNIC28-Bsa4 
_entity_src_gen.plasmid_details                    ? 
_entity_src_gen.pdbx_description                   ? 
# 
_struct_ref.id                         1 
_struct_ref.db_name                    UNP 
_struct_ref.db_code                    MAGI1_HUMAN 
_struct_ref.pdbx_db_accession          Q96QZ7 
_struct_ref.entity_id                  1 
_struct_ref.pdbx_seq_one_letter_code   
;ELITVHIVKGPMGFGFTIADSPGGGGQRVKQIVDSPRCRGLKEGDLIVEVNKKNVQALTHNQVVDMLVECPKGSEVTLLV
QR
;
_struct_ref.pdbx_align_begin           640 
_struct_ref.pdbx_db_isoform            ? 
# 
_struct_ref_seq.align_id                      1 
_struct_ref_seq.ref_id                        1 
_struct_ref_seq.pdbx_PDB_id_code              3BPU 
_struct_ref_seq.pdbx_strand_id                A 
_struct_ref_seq.seq_align_beg                 3 
_struct_ref_seq.pdbx_seq_align_beg_ins_code   ? 
_struct_ref_seq.seq_align_end                 84 
_struct_ref_seq.pdbx_seq_align_end_ins_code   ? 
_struct_ref_seq.pdbx_db_accession             Q96QZ7 
_struct_ref_seq.db_align_beg                  640 
_struct_ref_seq.pdbx_db_align_beg_ins_code    ? 
_struct_ref_seq.db_align_end                  721 
_struct_ref_seq.pdbx_db_align_end_ins_code    ? 
_struct_ref_seq.pdbx_auth_seq_align_beg       640 
_struct_ref_seq.pdbx_auth_seq_align_end       721 
# 
loop_
_struct_ref_seq_dif.align_id 
_struct_ref_seq_dif.pdbx_pdb_id_code 
_struct_ref_seq_dif.mon_id 
_struct_ref_seq_dif.pdbx_pdb_strand_id 
_struct_ref_seq_dif.seq_num 
_struct_ref_seq_dif.pdbx_pdb_ins_code 
_struct_ref_seq_dif.pdbx_seq_db_name 
_struct_ref_seq_dif.pdbx_seq_db_accession_code 
_struct_ref_seq_dif.db_mon_id 
_struct_ref_seq_dif.pdbx_seq_db_seq_num 
_struct_ref_seq_dif.details 
_struct_ref_seq_dif.pdbx_auth_seq_num 
_struct_ref_seq_dif.pdbx_ordinal 
1 3BPU SER A 1  ? UNP Q96QZ7 ?   ?   'expression tag'      638 1 
1 3BPU MET A 2  ? UNP Q96QZ7 ?   ?   'expression tag'      639 2 
1 3BPU SER A 40 ? UNP Q96QZ7 CYS 677 'engineered mutation' 677 3 
1 3BPU SER A 72 ? UNP Q96QZ7 CYS 709 'engineered mutation' 709 4 
1 3BPU GLN A 85 ? UNP Q96QZ7 ?   ?   'expression tag'      722 5 
1 3BPU THR A 86 ? UNP Q96QZ7 ?   ?   'expression tag'      723 6 
1 3BPU ARG A 87 ? UNP Q96QZ7 ?   ?   'expression tag'      724 7 
1 3BPU LEU A 88 ? UNP Q96QZ7 ?   ?   'expression tag'      725 8 
# 
loop_
_chem_comp.id 
_chem_comp.type 
_chem_comp.mon_nstd_flag 
_chem_comp.name 
_chem_comp.pdbx_synonyms 
_chem_comp.formula 
_chem_comp.formula_weight 
ALA 'L-peptide linking' y ALANINE         ? 'C3 H7 N O2'     89.093  
ARG 'L-peptide linking' y ARGININE        ? 'C6 H15 N4 O2 1' 175.209 
ASN 'L-peptide linking' y ASPARAGINE      ? 'C4 H8 N2 O3'    132.118 
ASP 'L-peptide linking' y 'ASPARTIC ACID' ? 'C4 H7 N O4'     133.103 
CYS 'L-peptide linking' y CYSTEINE        ? 'C3 H7 N O2 S'   121.158 
GLN 'L-peptide linking' y GLUTAMINE       ? 'C5 H10 N2 O3'   146.144 
GLU 'L-peptide linking' y 'GLUTAMIC ACID' ? 'C5 H9 N O4'     147.129 
GLY 'peptide linking'   y GLYCINE         ? 'C2 H5 N O2'     75.067  
HIS 'L-peptide linking' y HISTIDINE       ? 'C6 H10 N3 O2 1' 156.162 
HOH non-polymer         . WATER           ? 'H2 O'           18.015  
ILE 'L-peptide linking' y ISOLEUCINE      ? 'C6 H13 N O2'    131.173 
LEU 'L-peptide linking' y LEUCINE         ? 'C6 H13 N O2'    131.173 
LYS 'L-peptide linking' y LYSINE          ? 'C6 H15 N2 O2 1' 147.195 
MET 'L-peptide linking' y METHIONINE      ? 'C5 H11 N O2 S'  149.211 
PHE 'L-peptide linking' y PHENYLALANINE   ? 'C9 H11 N O2'    165.189 
PRO 'L-peptide linking' y PROLINE         ? 'C5 H9 N O2'     115.130 
SER 'L-peptide linking' y SERINE          ? 'C3 H7 N O3'     105.093 
THR 'L-peptide linking' y THREONINE       ? 'C4 H9 N O3'     119.119 
VAL 'L-peptide linking' y VALINE          ? 'C5 H11 N O2'    117.146 
ZN  non-polymer         . 'ZINC ION'      ? 'Zn 2'           65.409  
# 
_exptl.entry_id          3BPU 
_exptl.method            'X-RAY DIFFRACTION' 
_exptl.crystals_number   1 
# 
_exptl_crystal.id                    1 
_exptl_crystal.density_meas          ? 
_exptl_crystal.density_Matthews      2.10 
_exptl_crystal.density_percent_sol   41.34 
_exptl_crystal.description           ? 
_exptl_crystal.F_000                 ? 
_exptl_crystal.preparation           ? 
# 
_exptl_crystal_grow.crystal_id      1 
_exptl_crystal_grow.method          'VAPOR DIFFUSION, SITTING DROP' 
_exptl_crystal_grow.temp            293 
_exptl_crystal_grow.temp_details    ? 
_exptl_crystal_grow.pH              6.2 
_exptl_crystal_grow.pdbx_details    '0.05M Zn acetate pH 6.2, 30% PEG 3350, VAPOR DIFFUSION, SITTING DROP, temperature 293K' 
_exptl_crystal_grow.pdbx_pH_range   . 
# 
_diffrn.id                     1 
_diffrn.ambient_temp           100 
_diffrn.ambient_temp_details   ? 
_diffrn.crystal_id             1 
# 
_diffrn_detector.diffrn_id              1 
_diffrn_detector.detector               CCD 
_diffrn_detector.type                   MARRESEARCH 
_diffrn_detector.pdbx_collection_date   2007-12-08 
_diffrn_detector.details                ? 
# 
_diffrn_radiation.diffrn_id                        1 
_diffrn_radiation.wavelength_id                    1 
_diffrn_radiation.pdbx_monochromatic_or_laue_m_l   M 
_diffrn_radiation.monochromator                    Si111 
_diffrn_radiation.pdbx_diffrn_protocol             'SINGLE WAVELENGTH' 
_diffrn_radiation.pdbx_scattering_type             x-ray 
# 
_diffrn_radiation_wavelength.id           1 
_diffrn_radiation_wavelength.wavelength   0.97912 
_diffrn_radiation_wavelength.wt           1.0 
# 
_diffrn_source.diffrn_id                   1 
_diffrn_source.source                      SYNCHROTRON 
_diffrn_source.type                        'SLS BEAMLINE X10SA' 
_diffrn_source.pdbx_synchrotron_site       SLS 
_diffrn_source.pdbx_synchrotron_beamline   X10SA 
_diffrn_source.pdbx_wavelength             ? 
_diffrn_source.pdbx_wavelength_list        0.97912 
# 
_reflns.entry_id                     3BPU 
_reflns.observed_criterion_sigma_F   ? 
_reflns.observed_criterion_sigma_I   2.0 
_reflns.d_resolution_high            1.6 
_reflns.d_resolution_low             40.06 
_reflns.number_all                   10994 
_reflns.number_obs                   10446 
_reflns.percent_possible_obs         99.9 
_reflns.pdbx_Rmerge_I_obs            0.074 
_reflns.pdbx_Rsym_value              0.03 
_reflns.pdbx_netI_over_sigmaI        17.1 
_reflns.B_iso_Wilson_estimate        ? 
_reflns.pdbx_redundancy              7.1 
_reflns.R_free_details               ? 
_reflns.limit_h_max                  ? 
_reflns.limit_h_min                  ? 
_reflns.limit_k_max                  ? 
_reflns.limit_k_min                  ? 
_reflns.limit_l_max                  ? 
_reflns.limit_l_min                  ? 
_reflns.observed_criterion_F_max     ? 
_reflns.observed_criterion_F_min     ? 
_reflns.pdbx_chi_squared             ? 
_reflns.pdbx_scaling_rejects         ? 
_reflns.pdbx_ordinal                 1 
_reflns.pdbx_diffrn_id               1 
# 
_reflns_shell.d_res_high             1.6 
_reflns_shell.d_res_low              1.69 
_reflns_shell.percent_possible_all   99.7 
_reflns_shell.Rmerge_I_obs           0.898 
_reflns_shell.pdbx_Rsym_value        0.346 
_reflns_shell.meanI_over_sigI_obs    2.2 
_reflns_shell.pdbx_redundancy        7.1 
_reflns_shell.percent_possible_obs   ? 
_reflns_shell.number_unique_all      1571 
_reflns_shell.number_measured_all    ? 
_reflns_shell.number_measured_obs    ? 
_reflns_shell.number_unique_obs      ? 
_reflns_shell.pdbx_chi_squared       ? 
_reflns_shell.pdbx_ordinal           1 
_reflns_shell.pdbx_diffrn_id         1 
# 
_refine.entry_id                                 3BPU 
_refine.ls_number_reflns_obs                     10446 
_refine.ls_number_reflns_all                     10446 
_refine.pdbx_ls_sigma_I                          0 
_refine.pdbx_ls_sigma_F                          0 
_refine.pdbx_data_cutoff_high_absF               ? 
_refine.pdbx_data_cutoff_low_absF                ? 
_refine.pdbx_data_cutoff_high_rms_absF           ? 
_refine.ls_d_res_low                             28.74 
_refine.ls_d_res_high                            1.60 
_refine.ls_percent_reflns_obs                    99.96 
_refine.ls_R_factor_obs                          0.20418 
_refine.ls_R_factor_all                          ? 
_refine.ls_R_factor_R_work                       0.20202 
_refine.ls_R_factor_R_free                       0.25112 
_refine.ls_R_factor_R_free_error                 ? 
_refine.ls_R_factor_R_free_error_details         ? 
_refine.ls_percent_reflns_R_free                 4.7 
_refine.ls_number_reflns_R_free                  515 
_refine.ls_number_parameters                     ? 
_refine.ls_number_restraints                     ? 
_refine.occupancy_min                            ? 
_refine.occupancy_max                            ? 
_refine.correlation_coeff_Fo_to_Fc               0.961 
_refine.correlation_coeff_Fo_to_Fc_free          0.948 
_refine.B_iso_mean                               15.883 
_refine.aniso_B[1][1]                            2.32 
_refine.aniso_B[2][2]                            -0.12 
_refine.aniso_B[3][3]                            -2.20 
_refine.aniso_B[1][2]                            0.00 
_refine.aniso_B[1][3]                            0.00 
_refine.aniso_B[2][3]                            0.00 
_refine.solvent_model_details                    MASK 
_refine.solvent_model_param_ksol                 ? 
_refine.solvent_model_param_bsol                 ? 
_refine.pdbx_solvent_vdw_probe_radii             1.20 
_refine.pdbx_solvent_ion_probe_radii             0.80 
_refine.pdbx_solvent_shrinkage_radii             0.80 
_refine.pdbx_ls_cross_valid_method               THROUGHOUT 
_refine.details                                  'HYDROGENS HAVE BEEN ADDED IN THE RIDING POSITIONS' 
_refine.pdbx_starting_model                      'PDB entries 1UJV, 1G9O' 
_refine.pdbx_method_to_determine_struct          'MOLECULAR REPLACEMENT' 
_refine.pdbx_isotropic_thermal_model             ? 
_refine.pdbx_stereochemistry_target_values       'MAXIMUM LIKELIHOOD' 
_refine.pdbx_stereochem_target_val_spec_case     ? 
_refine.pdbx_R_Free_selection_details            RANDOM 
_refine.pdbx_overall_ESU_R                       0.101 
_refine.pdbx_overall_ESU_R_Free                  0.107 
_refine.overall_SU_ML                            0.083 
_refine.overall_SU_B                             4.335 
_refine.ls_redundancy_reflns_obs                 ? 
_refine.B_iso_min                                ? 
_refine.B_iso_max                                ? 
_refine.overall_SU_R_Cruickshank_DPI             ? 
_refine.overall_SU_R_free                        ? 
_refine.ls_wR_factor_R_free                      ? 
_refine.ls_wR_factor_R_work                      ? 
_refine.overall_FOM_free_R_set                   ? 
_refine.overall_FOM_work_R_set                   ? 
_refine.pdbx_refine_id                           'X-RAY DIFFRACTION' 
_refine.pdbx_TLS_residual_ADP_flag               'LIKELY RESIDUAL' 
_refine.pdbx_diffrn_id                           1 
_refine.pdbx_overall_phase_error                 ? 
_refine.pdbx_overall_SU_R_free_Cruickshank_DPI   ? 
_refine.pdbx_overall_SU_R_Blow_DPI               ? 
_refine.pdbx_overall_SU_R_free_Blow_DPI          ? 
# 
_refine_hist.pdbx_refine_id                   'X-RAY DIFFRACTION' 
_refine_hist.cycle_id                         LAST 
_refine_hist.pdbx_number_atoms_protein        630 
_refine_hist.pdbx_number_atoms_nucleic_acid   0 
_refine_hist.pdbx_number_atoms_ligand         2 
_refine_hist.number_atoms_solvent             72 
_refine_hist.number_atoms_total               704 
_refine_hist.d_res_high                       1.60 
_refine_hist.d_res_low                        28.74 
# 
loop_
_refine_ls_restr.type 
_refine_ls_restr.dev_ideal 
_refine_ls_restr.dev_ideal_target 
_refine_ls_restr.weight 
_refine_ls_restr.number 
_refine_ls_restr.pdbx_refine_id 
_refine_ls_restr.pdbx_restraint_function 
r_bond_refined_d             0.016  0.022  ? 641  'X-RAY DIFFRACTION' ? 
r_bond_other_d               0.002  0.020  ? 420  'X-RAY DIFFRACTION' ? 
r_angle_refined_deg          1.597  1.975  ? 865  'X-RAY DIFFRACTION' ? 
r_angle_other_deg            0.916  3.000  ? 1043 'X-RAY DIFFRACTION' ? 
r_dihedral_angle_1_deg       5.983  5.000  ? 84   'X-RAY DIFFRACTION' ? 
r_dihedral_angle_2_deg       45.389 26.000 ? 25   'X-RAY DIFFRACTION' ? 
r_dihedral_angle_3_deg       11.723 15.000 ? 116  'X-RAY DIFFRACTION' ? 
r_dihedral_angle_4_deg       10.265 15.000 ? 3    'X-RAY DIFFRACTION' ? 
r_chiral_restr               0.095  0.200  ? 106  'X-RAY DIFFRACTION' ? 
r_gen_planes_refined         0.006  0.021  ? 708  'X-RAY DIFFRACTION' ? 
r_gen_planes_other           0.001  0.020  ? 107  'X-RAY DIFFRACTION' ? 
r_nbd_refined                ?      ?      ? ?    'X-RAY DIFFRACTION' ? 
r_nbd_other                  ?      ?      ? ?    'X-RAY DIFFRACTION' ? 
r_nbtor_refined              ?      ?      ? ?    'X-RAY DIFFRACTION' ? 
r_nbtor_other                ?      ?      ? ?    'X-RAY DIFFRACTION' ? 
r_xyhbond_nbd_refined        ?      ?      ? ?    'X-RAY DIFFRACTION' ? 
r_xyhbond_nbd_other          ?      ?      ? ?    'X-RAY DIFFRACTION' ? 
r_metal_ion_refined          ?      ?      ? ?    'X-RAY DIFFRACTION' ? 
r_metal_ion_other            ?      ?      ? ?    'X-RAY DIFFRACTION' ? 
r_symmetry_vdw_refined       ?      ?      ? ?    'X-RAY DIFFRACTION' ? 
r_symmetry_vdw_other         ?      ?      ? ?    'X-RAY DIFFRACTION' ? 
r_symmetry_hbond_refined     ?      ?      ? ?    'X-RAY DIFFRACTION' ? 
r_symmetry_hbond_other       ?      ?      ? ?    'X-RAY DIFFRACTION' ? 
r_symmetry_metal_ion_refined ?      ?      ? ?    'X-RAY DIFFRACTION' ? 
r_symmetry_metal_ion_other   ?      ?      ? ?    'X-RAY DIFFRACTION' ? 
r_mcbond_it                  3.592  3.000  ? 423  'X-RAY DIFFRACTION' ? 
r_mcbond_other               1.084  3.000  ? 178  'X-RAY DIFFRACTION' ? 
r_mcangle_it                 4.862  5.000  ? 680  'X-RAY DIFFRACTION' ? 
r_scbond_it                  6.953  8.000  ? 218  'X-RAY DIFFRACTION' ? 
r_scangle_it                 8.178  11.000 ? 185  'X-RAY DIFFRACTION' ? 
r_rigid_bond_restr           ?      ?      ? ?    'X-RAY DIFFRACTION' ? 
r_sphericity_free            ?      ?      ? ?    'X-RAY DIFFRACTION' ? 
r_sphericity_bonded          ?      ?      ? ?    'X-RAY DIFFRACTION' ? 
# 
_refine_ls_shell.pdbx_total_number_of_bins_used   20 
_refine_ls_shell.d_res_high                       1.600 
_refine_ls_shell.d_res_low                        1.641 
_refine_ls_shell.number_reflns_R_work             753 
_refine_ls_shell.R_factor_R_work                  0.296 
_refine_ls_shell.percent_reflns_obs               100.00 
_refine_ls_shell.R_factor_R_free                  0.283 
_refine_ls_shell.R_factor_R_free_error            ? 
_refine_ls_shell.percent_reflns_R_free            ? 
_refine_ls_shell.number_reflns_R_free             43 
_refine_ls_shell.number_reflns_all                ? 
_refine_ls_shell.R_factor_all                     ? 
_refine_ls_shell.number_reflns_obs                ? 
_refine_ls_shell.redundancy_reflns_obs            ? 
_refine_ls_shell.pdbx_refine_id                   'X-RAY DIFFRACTION' 
# 
_struct.entry_id                  3BPU 
_struct.title                     
'Crystal structure of the 3rd PDZ domain of human membrane associated guanylate kinase, C677S and C709S double mutant' 
_struct.pdbx_model_details        ? 
_struct.pdbx_CASP_flag            N 
_struct.pdbx_model_type_details   ? 
# 
_struct_keywords.entry_id        3BPU 
_struct_keywords.pdbx_keywords   TRANSFERASE 
_struct_keywords.text            
;PDZ, MEMBRANE ASSOCIATED GUANYLATE KINASE, STRUCTURAL GENOMICS CONSORTIUM, SGC, ATP-binding, Cell junction, Nucleotide-binding, Phosphoprotein, Tight junction, Transferase
;
# 
loop_
_struct_asym.id 
_struct_asym.pdbx_blank_PDB_chainid_flag 
_struct_asym.pdbx_modified 
_struct_asym.entity_id 
_struct_asym.details 
A N N 1 ? 
B N N 2 ? 
C N N 2 ? 
D N N 3 ? 
# 
_struct_biol.id        1 
_struct_biol.details   ? 
# 
_struct_conf.conf_type_id            HELX_P 
_struct_conf.id                      HELX_P1 
_struct_conf.pdbx_PDB_helix_id       1 
_struct_conf.beg_label_comp_id       THR 
_struct_conf.beg_label_asym_id       A 
_struct_conf.beg_label_seq_id        61 
_struct_conf.pdbx_beg_PDB_ins_code   ? 
_struct_conf.end_label_comp_id       GLU 
_struct_conf.end_label_asym_id       A 
_struct_conf.end_label_seq_id        71 
_struct_conf.pdbx_end_PDB_ins_code   ? 
_struct_conf.beg_auth_comp_id        THR 
_struct_conf.beg_auth_asym_id        A 
_struct_conf.beg_auth_seq_id         698 
_struct_conf.end_auth_comp_id        GLU 
_struct_conf.end_auth_asym_id        A 
_struct_conf.end_auth_seq_id         708 
_struct_conf.pdbx_PDB_helix_class    1 
_struct_conf.details                 ? 
_struct_conf.pdbx_PDB_helix_length   11 
# 
_struct_conf_type.id          HELX_P 
_struct_conf_type.criteria    ? 
_struct_conf_type.reference   ? 
# 
loop_
_struct_conn.id 
_struct_conn.conn_type_id 
_struct_conn.pdbx_leaving_atom_flag 
_struct_conn.pdbx_PDB_id 
_struct_conn.ptnr1_label_asym_id 
_struct_conn.ptnr1_label_comp_id 
_struct_conn.ptnr1_label_seq_id 
_struct_conn.ptnr1_label_atom_id 
_struct_conn.pdbx_ptnr1_label_alt_id 
_struct_conn.pdbx_ptnr1_PDB_ins_code 
_struct_conn.pdbx_ptnr1_standard_comp_id 
_struct_conn.ptnr1_symmetry 
_struct_conn.ptnr2_label_asym_id 
_struct_conn.ptnr2_label_comp_id 
_struct_conn.ptnr2_label_seq_id 
_struct_conn.ptnr2_label_atom_id 
_struct_conn.pdbx_ptnr2_label_alt_id 
_struct_conn.pdbx_ptnr2_PDB_ins_code 
_struct_conn.ptnr1_auth_asym_id 
_struct_conn.ptnr1_auth_comp_id 
_struct_conn.ptnr1_auth_seq_id 
_struct_conn.ptnr2_auth_asym_id 
_struct_conn.ptnr2_auth_comp_id 
_struct_conn.ptnr2_auth_seq_id 
_struct_conn.ptnr2_symmetry 
_struct_conn.pdbx_ptnr3_label_atom_id 
_struct_conn.pdbx_ptnr3_label_seq_id 
_struct_conn.pdbx_ptnr3_label_comp_id 
_struct_conn.pdbx_ptnr3_label_asym_id 
_struct_conn.pdbx_ptnr3_label_alt_id 
_struct_conn.pdbx_ptnr3_PDB_ins_code 
_struct_conn.details 
_struct_conn.pdbx_dist_value 
_struct_conn.pdbx_value_order 
_struct_conn.pdbx_role 
metalc1 metalc ? ? A HIS 8  ND1 ? ? ? 1_555 C ZN . ZN ? ? A HIS 645 A ZN 902 1_555 ? ? ? ? ? ? ? 1.958 ? ? 
metalc2 metalc ? ? A HIS 62 NE2 ? ? ? 1_555 B ZN . ZN ? ? A HIS 699 A ZN 901 1_555 ? ? ? ? ? ? ? 2.142 ? ? 
metalc3 metalc ? ? A GLU 77 OE2 ? ? ? 1_555 C ZN . ZN ? ? A GLU 714 A ZN 902 1_555 ? ? ? ? ? ? ? 2.184 ? ? 
# 
_struct_conn_type.id          metalc 
_struct_conn_type.criteria    ? 
_struct_conn_type.reference   ? 
# 
loop_
_struct_sheet.id 
_struct_sheet.type 
_struct_sheet.number_strands 
_struct_sheet.details 
A ? 5 ? 
B ? 4 ? 
# 
loop_
_struct_sheet_order.sheet_id 
_struct_sheet_order.range_id_1 
_struct_sheet_order.range_id_2 
_struct_sheet_order.offset 
_struct_sheet_order.sense 
A 1 2 ? anti-parallel 
A 2 3 ? anti-parallel 
A 3 4 ? anti-parallel 
A 4 5 ? anti-parallel 
B 1 2 ? anti-parallel 
B 2 3 ? anti-parallel 
B 3 4 ? anti-parallel 
# 
loop_
_struct_sheet_range.sheet_id 
_struct_sheet_range.id 
_struct_sheet_range.beg_label_comp_id 
_struct_sheet_range.beg_label_asym_id 
_struct_sheet_range.beg_label_seq_id 
_struct_sheet_range.pdbx_beg_PDB_ins_code 
_struct_sheet_range.end_label_comp_id 
_struct_sheet_range.end_label_asym_id 
_struct_sheet_range.end_label_seq_id 
_struct_sheet_range.pdbx_end_PDB_ins_code 
_struct_sheet_range.beg_auth_comp_id 
_struct_sheet_range.beg_auth_asym_id 
_struct_sheet_range.beg_auth_seq_id 
_struct_sheet_range.end_auth_comp_id 
_struct_sheet_range.end_auth_asym_id 
_struct_sheet_range.end_auth_seq_id 
A 1 MET A 2  ? VAL A 10 ? MET A 639 VAL A 647 
A 2 GLU A 77 ? GLN A 85 ? GLU A 714 GLN A 722 
A 3 LEU A 48 ? VAL A 52 ? LEU A 685 VAL A 689 
A 4 GLN A 29 ? GLN A 33 ? GLN A 666 GLN A 670 
A 5 THR A 19 ? ASP A 22 ? THR A 656 ASP A 659 
B 1 MET A 2  ? VAL A 10 ? MET A 639 VAL A 647 
B 2 GLU A 77 ? GLN A 85 ? GLU A 714 GLN A 722 
B 3 LEU A 48 ? VAL A 52 ? LEU A 685 VAL A 689 
B 4 LYS A 55 ? ASN A 56 ? LYS A 692 ASN A 693 
# 
loop_
_pdbx_struct_sheet_hbond.sheet_id 
_pdbx_struct_sheet_hbond.range_id_1 
_pdbx_struct_sheet_hbond.range_id_2 
_pdbx_struct_sheet_hbond.range_1_label_atom_id 
_pdbx_struct_sheet_hbond.range_1_label_comp_id 
_pdbx_struct_sheet_hbond.range_1_label_asym_id 
_pdbx_struct_sheet_hbond.range_1_label_seq_id 
_pdbx_struct_sheet_hbond.range_1_PDB_ins_code 
_pdbx_struct_sheet_hbond.range_1_auth_atom_id 
_pdbx_struct_sheet_hbond.range_1_auth_comp_id 
_pdbx_struct_sheet_hbond.range_1_auth_asym_id 
_pdbx_struct_sheet_hbond.range_1_auth_seq_id 
_pdbx_struct_sheet_hbond.range_2_label_atom_id 
_pdbx_struct_sheet_hbond.range_2_label_comp_id 
_pdbx_struct_sheet_hbond.range_2_label_asym_id 
_pdbx_struct_sheet_hbond.range_2_label_seq_id 
_pdbx_struct_sheet_hbond.range_2_PDB_ins_code 
_pdbx_struct_sheet_hbond.range_2_auth_atom_id 
_pdbx_struct_sheet_hbond.range_2_auth_comp_id 
_pdbx_struct_sheet_hbond.range_2_auth_asym_id 
_pdbx_struct_sheet_hbond.range_2_auth_seq_id 
A 1 2 N ILE A 5  ? N ILE A 642 O VAL A 82 ? O VAL A 719 
A 2 3 O LEU A 81 ? O LEU A 718 N VAL A 50 ? N VAL A 687 
A 3 4 O ILE A 49 ? O ILE A 686 N GLN A 29 ? N GLN A 666 
A 4 5 O ARG A 30 ? O ARG A 667 N ALA A 21 ? N ALA A 658 
B 1 2 N ILE A 5  ? N ILE A 642 O VAL A 82 ? O VAL A 719 
B 2 3 O LEU A 81 ? O LEU A 718 N VAL A 50 ? N VAL A 687 
B 3 4 N VAL A 52 ? N VAL A 689 O LYS A 55 ? O LYS A 692 
# 
loop_
_struct_site.id 
_struct_site.pdbx_evidence_code 
_struct_site.pdbx_auth_asym_id 
_struct_site.pdbx_auth_comp_id 
_struct_site.pdbx_auth_seq_id 
_struct_site.pdbx_auth_ins_code 
_struct_site.pdbx_num_residues 
_struct_site.details 
AC1 Software A ZN 901 ? 4 'BINDING SITE FOR RESIDUE ZN A 901' 
AC2 Software A ZN 902 ? 4 'BINDING SITE FOR RESIDUE ZN A 902' 
# 
loop_
_struct_site_gen.id 
_struct_site_gen.site_id 
_struct_site_gen.pdbx_num_res 
_struct_site_gen.label_comp_id 
_struct_site_gen.label_asym_id 
_struct_site_gen.label_seq_id 
_struct_site_gen.pdbx_auth_ins_code 
_struct_site_gen.auth_comp_id 
_struct_site_gen.auth_asym_id 
_struct_site_gen.auth_seq_id 
_struct_site_gen.label_atom_id 
_struct_site_gen.label_alt_id 
_struct_site_gen.symmetry 
_struct_site_gen.details 
1 AC1 4 HOH D .  ? HOH A 73  . ? 4_555 ? 
2 AC1 4 HIS A 62 ? HIS A 699 . ? 1_555 ? 
3 AC1 4 ASP A 67 ? ASP A 704 . ? 4_555 ? 
4 AC1 4 GLU A 71 ? GLU A 708 . ? 4_555 ? 
5 AC2 4 HIS A 8  ? HIS A 645 . ? 1_555 ? 
6 AC2 4 HIS A 8  ? HIS A 645 . ? 3_554 ? 
7 AC2 4 GLU A 77 ? GLU A 714 . ? 3_554 ? 
8 AC2 4 GLU A 77 ? GLU A 714 . ? 1_555 ? 
# 
_atom_sites.entry_id                    3BPU 
_atom_sites.fract_transf_matrix[1][1]   -0.00807041 
_atom_sites.fract_transf_matrix[1][2]   0.02956896 
_atom_sites.fract_transf_matrix[1][3]   -0.00298974 
_atom_sites.fract_transf_matrix[2][1]   0.00889385 
_atom_sites.fract_transf_matrix[2][2]   0.00374793 
_atom_sites.fract_transf_matrix[2][3]   0.01305977 
_atom_sites.fract_transf_matrix[3][1]   0.00991802 
_atom_sites.fract_transf_matrix[3][2]   0.00196697 
_atom_sites.fract_transf_matrix[3][3]   -0.00731877 
_atom_sites.fract_transf_vector[1]      -0.263161 
_atom_sites.fract_transf_vector[2]      0.135660 
_atom_sites.fract_transf_vector[3]      -0.129241 
# 
loop_
_atom_type.symbol 
C  
N  
O  
S  
ZN 
# 
loop_
_atom_site.group_PDB 
_atom_site.id 
_atom_site.type_symbol 
_atom_site.label_atom_id 
_atom_site.label_alt_id 
_atom_site.label_comp_id 
_atom_site.label_asym_id 
_atom_site.label_entity_id 
_atom_site.label_seq_id 
_atom_site.pdbx_PDB_ins_code 
_atom_site.Cartn_x 
_atom_site.Cartn_y 
_atom_site.Cartn_z 
_atom_site.occupancy 
_atom_site.B_iso_or_equiv 
_atom_site.pdbx_formal_charge 
_atom_site.auth_seq_id 
_atom_site.auth_comp_id 
_atom_site.auth_asym_id 
_atom_site.auth_atom_id 
_atom_site.pdbx_PDB_model_num 
ATOM   1   N  N   . SER A 1 1  ? 2.703   -0.304  19.156  1.00 30.79 ? 638 SER A N   1 
ATOM   2   C  CA  . SER A 1 1  ? 2.130   -1.659  18.934  1.00 28.82 ? 638 SER A CA  1 
ATOM   3   C  C   . SER A 1 1  ? 1.775   -1.770  17.466  1.00 24.21 ? 638 SER A C   1 
ATOM   4   O  O   . SER A 1 1  ? 1.677   -0.751  16.792  1.00 19.43 ? 638 SER A O   1 
ATOM   5   C  CB  . SER A 1 1  ? 0.864   -1.847  19.768  1.00 27.15 ? 638 SER A CB  1 
ATOM   6   O  OG  . SER A 1 1  ? -0.164  -0.966  19.333  1.00 37.24 ? 638 SER A OG  1 
ATOM   7   N  N   . MET A 1 2  ? 1.548   -2.996  16.999  1.00 24.34 ? 639 MET A N   1 
ATOM   8   C  CA  . MET A 1 2  ? 1.165   -3.247  15.610  1.00 19.60 ? 639 MET A CA  1 
ATOM   9   C  C   . MET A 1 2  ? -0.347  -3.218  15.423  1.00 14.12 ? 639 MET A C   1 
ATOM   10  O  O   . MET A 1 2  ? -1.067  -4.064  15.937  1.00 17.63 ? 639 MET A O   1 
ATOM   11  C  CB  . MET A 1 2  ? 1.684   -4.611  15.156  1.00 22.84 ? 639 MET A CB  1 
ATOM   12  C  CG  . MET A 1 2  ? 3.174   -4.684  15.006  1.00 35.29 ? 639 MET A CG  1 
ATOM   13  S  SD  . MET A 1 2  ? 3.568   -3.731  13.565  1.00 28.17 ? 639 MET A SD  1 
ATOM   14  C  CE  . MET A 1 2  ? 5.231   -4.279  13.210  1.00 37.99 ? 639 MET A CE  1 
ATOM   15  N  N   . GLU A 1 3  ? -0.800  -2.269  14.622  1.00 12.54 ? 640 GLU A N   1 
ATOM   16  C  CA  . GLU A 1 3  ? -2.202  -2.011  14.336  1.00 15.40 ? 640 GLU A CA  1 
ATOM   17  C  C   . GLU A 1 3  ? -2.498  -2.262  12.861  1.00 11.29 ? 640 GLU A C   1 
ATOM   18  O  O   . GLU A 1 3  ? -1.674  -1.944  12.012  1.00 14.92 ? 640 GLU A O   1 
ATOM   19  C  CB  . GLU A 1 3  ? -2.431  -0.533  14.601  1.00 16.30 ? 640 GLU A CB  1 
ATOM   20  C  CG  . GLU A 1 3  ? -3.849  -0.051  14.661  1.00 33.19 ? 640 GLU A CG  1 
ATOM   21  C  CD  . GLU A 1 3  ? -3.956  1.255   15.446  1.00 45.56 ? 640 GLU A CD  1 
ATOM   22  O  OE1 . GLU A 1 3  ? -3.323  1.338   16.527  1.00 42.20 ? 640 GLU A OE1 1 
ATOM   23  O  OE2 . GLU A 1 3  ? -4.661  2.190   14.986  1.00 45.73 ? 640 GLU A OE2 1 
ATOM   24  N  N   . LEU A 1 4  ? -3.708  -2.740  12.562  1.00 12.36 ? 641 LEU A N   1 
ATOM   25  C  CA  . LEU A 1 4  ? -4.224  -2.858  11.202  1.00 14.07 ? 641 LEU A CA  1 
ATOM   26  C  C   . LEU A 1 4  ? -5.133  -1.667  10.880  1.00 15.17 ? 641 LEU A C   1 
ATOM   27  O  O   . LEU A 1 4  ? -6.125  -1.418  11.595  1.00 14.61 ? 641 LEU A O   1 
ATOM   28  C  CB  . LEU A 1 4  ? -4.971  -4.180  11.030  1.00 12.85 ? 641 LEU A CB  1 
ATOM   29  C  CG  . LEU A 1 4  ? -4.194  -5.487  11.269  1.00 9.57  ? 641 LEU A CG  1 
ATOM   30  C  CD1 . LEU A 1 4  ? -5.129  -6.784  11.410  1.00 7.54  ? 641 LEU A CD1 1 
ATOM   31  C  CD2 . LEU A 1 4  ? -3.104  -5.627  10.187  1.00 12.42 ? 641 LEU A CD2 1 
ATOM   32  N  N   . ILE A 1 5  ? -4.781  -0.935  9.817   1.00 15.24 ? 642 ILE A N   1 
ATOM   33  C  CA  . ILE A 1 5  ? -5.398  0.312   9.429   1.00 16.13 ? 642 ILE A CA  1 
ATOM   34  C  C   . ILE A 1 5  ? -5.806  0.192   7.967   1.00 19.45 ? 642 ILE A C   1 
ATOM   35  O  O   . ILE A 1 5  ? -5.015  -0.270  7.141   1.00 13.56 ? 642 ILE A O   1 
ATOM   36  C  CB  . ILE A 1 5  ? -4.445  1.524   9.646   1.00 13.80 ? 642 ILE A CB  1 
ATOM   37  C  CG1 . ILE A 1 5  ? -3.922  1.550   11.087  1.00 15.96 ? 642 ILE A CG1 1 
ATOM   38  C  CG2 . ILE A 1 5  ? -5.115  2.890   9.306   1.00 21.96 ? 642 ILE A CG2 1 
ATOM   39  C  CD1 . ILE A 1 5  ? -2.842  2.550   11.270  1.00 21.80 ? 642 ILE A CD1 1 
ATOM   40  N  N   . THR A 1 6  ? -7.079  0.518   7.696   1.00 17.27 ? 643 THR A N   1 
ATOM   41  C  CA  . THR A 1 6  ? -7.592  0.654   6.344   1.00 18.84 ? 643 THR A CA  1 
ATOM   42  C  C   . THR A 1 6  ? -7.359  2.096   5.877   1.00 19.02 ? 643 THR A C   1 
ATOM   43  O  O   . THR A 1 6  ? -7.649  3.055   6.578   1.00 25.58 ? 643 THR A O   1 
ATOM   44  C  CB  . THR A 1 6  ? -9.078  0.231   6.237   1.00 19.92 ? 643 THR A CB  1 
ATOM   45  O  OG1 . THR A 1 6  ? -9.163  -1.184  6.407   1.00 20.14 ? 643 THR A OG1 1 
ATOM   46  C  CG2 . THR A 1 6  ? -9.642  0.580   4.868   1.00 23.99 ? 643 THR A CG2 1 
ATOM   47  N  N   . VAL A 1 7  ? -6.743  2.223   4.711   1.00 15.01 ? 644 VAL A N   1 
ATOM   48  C  CA  . VAL A 1 7  ? -6.490  3.527   4.086   1.00 16.33 ? 644 VAL A CA  1 
ATOM   49  C  C   . VAL A 1 7  ? -7.114  3.531   2.692   1.00 21.33 ? 644 VAL A C   1 
ATOM   50  O  O   . VAL A 1 7  ? -6.898  2.623   1.923   1.00 16.49 ? 644 VAL A O   1 
ATOM   51  C  CB  . VAL A 1 7  ? -4.951  3.813   3.944   1.00 15.56 ? 644 VAL A CB  1 
ATOM   52  C  CG1 . VAL A 1 7  ? -4.731  5.216   3.360   1.00 24.30 ? 644 VAL A CG1 1 
ATOM   53  C  CG2 . VAL A 1 7  ? -4.257  3.693   5.320   1.00 19.15 ? 644 VAL A CG2 1 
ATOM   54  N  N   . HIS A 1 8  ? -7.873  4.585   2.378   1.00 18.75 ? 645 HIS A N   1 
ATOM   55  C  CA  . HIS A 1 8  ? -8.504  4.766   1.053   1.00 17.37 ? 645 HIS A CA  1 
ATOM   56  C  C   . HIS A 1 8  ? -7.695  5.779   0.275   1.00 18.26 ? 645 HIS A C   1 
ATOM   57  O  O   . HIS A 1 8  ? -7.387  6.815   0.817   1.00 15.61 ? 645 HIS A O   1 
ATOM   58  C  CB  . HIS A 1 8  ? -9.951  5.291   1.197   1.00 16.66 ? 645 HIS A CB  1 
ATOM   59  C  CG  . HIS A 1 8  ? -10.886 4.312   1.832   1.00 26.88 ? 645 HIS A CG  1 
ATOM   60  N  ND1 . HIS A 1 8  ? -12.184 4.131   1.406   1.00 20.80 ? 645 HIS A ND1 1 
ATOM   61  C  CD2 . HIS A 1 8  ? -10.707 3.455   2.863   1.00 27.44 ? 645 HIS A CD2 1 
ATOM   62  C  CE1 . HIS A 1 8  ? -12.770 3.225   2.168   1.00 11.08 ? 645 HIS A CE1 1 
ATOM   63  N  NE2 . HIS A 1 8  ? -11.893 2.791   3.053   1.00 20.96 ? 645 HIS A NE2 1 
ATOM   64  N  N   . ILE A 1 9  ? -7.341  5.452   -0.967  1.00 17.84 ? 646 ILE A N   1 
ATOM   65  C  CA  . ILE A 1 9  ? -6.521  6.310   -1.822  1.00 16.79 ? 646 ILE A CA  1 
ATOM   66  C  C   . ILE A 1 9  ? -7.137  6.347   -3.202  1.00 13.15 ? 646 ILE A C   1 
ATOM   67  O  O   . ILE A 1 9  ? -7.346  5.298   -3.831  1.00 16.58 ? 646 ILE A O   1 
ATOM   68  C  CB  . ILE A 1 9  ? -5.040  5.884   -1.925  1.00 23.50 ? 646 ILE A CB  1 
ATOM   69  C  CG1 . ILE A 1 9  ? -4.472  5.566   -0.551  1.00 23.41 ? 646 ILE A CG1 1 
ATOM   70  C  CG2 . ILE A 1 9  ? -4.207  7.014   -2.614  1.00 20.04 ? 646 ILE A CG2 1 
ATOM   71  C  CD1 . ILE A 1 9  ? -3.025  5.194   -0.547  1.00 16.24 ? 646 ILE A CD1 1 
ATOM   72  N  N   . VAL A 1 10 ? -7.458  7.553   -3.640  1.00 18.12 ? 647 VAL A N   1 
ATOM   73  C  CA  . VAL A 1 10 ? -7.991  7.809   -4.970  1.00 17.33 ? 647 VAL A CA  1 
ATOM   74  C  C   . VAL A 1 10 ? -6.802  7.958   -5.888  1.00 19.69 ? 647 VAL A C   1 
ATOM   75  O  O   . VAL A 1 10 ? -5.861  8.689   -5.582  1.00 18.22 ? 647 VAL A O   1 
ATOM   76  C  CB  . VAL A 1 10 ? -8.879  9.100   -4.993  1.00 19.52 ? 647 VAL A CB  1 
ATOM   77  C  CG1 . VAL A 1 10 ? -9.425  9.356   -6.407  1.00 20.58 ? 647 VAL A CG1 1 
ATOM   78  C  CG2 . VAL A 1 10 ? -10.029 8.987   -3.962  1.00 22.54 ? 647 VAL A CG2 1 
ATOM   79  N  N   . LYS A 1 11 ? -6.810  7.230   -7.002  1.00 21.08 ? 648 LYS A N   1 
ATOM   80  C  CA  . LYS A 1 11 ? -5.737  7.345   -7.968  1.00 22.46 ? 648 LYS A CA  1 
ATOM   81  C  C   . LYS A 1 11 ? -5.895  8.630   -8.777  1.00 22.61 ? 648 LYS A C   1 
ATOM   82  O  O   . LYS A 1 11 ? -6.859  8.786   -9.518  1.00 30.74 ? 648 LYS A O   1 
ATOM   83  C  CB  . LYS A 1 11 ? -5.723  6.158   -8.906  1.00 22.75 ? 648 LYS A CB  1 
ATOM   84  C  CG  . LYS A 1 11 ? -4.559  6.110   -9.857  1.00 29.59 ? 648 LYS A CG  1 
ATOM   85  C  CD  A LYS A 1 11 ? -4.535  4.810   -10.644 0.50 29.64 ? 648 LYS A CD  1 
ATOM   86  C  CD  B LYS A 1 11 ? -4.552  4.806   -10.628 0.50 27.59 ? 648 LYS A CD  1 
ATOM   87  C  CE  A LYS A 1 11 ? -3.297  4.683   -11.503 0.50 31.81 ? 648 LYS A CE  1 
ATOM   88  C  CE  B LYS A 1 11 ? -3.315  4.643   -11.467 0.50 26.01 ? 648 LYS A CE  1 
ATOM   89  N  NZ  A LYS A 1 11 ? -2.049  4.626   -10.688 0.50 35.58 ? 648 LYS A NZ  1 
ATOM   90  N  NZ  B LYS A 1 11 ? -3.160  3.240   -11.926 0.50 19.55 ? 648 LYS A NZ  1 
ATOM   91  N  N   . GLY A 1 12 ? -4.931  9.532   -8.654  1.00 32.70 ? 649 GLY A N   1 
ATOM   92  C  CA  . GLY A 1 12 ? -4.981  10.808  -9.363  1.00 29.53 ? 649 GLY A CA  1 
ATOM   93  C  C   . GLY A 1 12 ? -4.394  10.725  -10.773 1.00 27.57 ? 649 GLY A C   1 
ATOM   94  O  O   . GLY A 1 12 ? -3.887  9.666   -11.177 1.00 25.81 ? 649 GLY A O   1 
ATOM   95  N  N   . PRO A 1 13 ? -4.433  11.851  -11.518 1.00 24.72 ? 650 PRO A N   1 
ATOM   96  C  CA  . PRO A 1 13 ? -3.862  11.855  -12.883 1.00 26.86 ? 650 PRO A CA  1 
ATOM   97  C  C   . PRO A 1 13 ? -2.383  11.432  -12.937 1.00 29.56 ? 650 PRO A C   1 
ATOM   98  O  O   . PRO A 1 13 ? -1.933  10.915  -13.965 1.00 31.00 ? 650 PRO A O   1 
ATOM   99  C  CB  . PRO A 1 13 ? -4.030  13.311  -13.350 1.00 27.65 ? 650 PRO A CB  1 
ATOM   100 C  CG  . PRO A 1 13 ? -4.929  13.981  -12.373 1.00 31.61 ? 650 PRO A CG  1 
ATOM   101 C  CD  . PRO A 1 13 ? -4.913  13.187  -11.106 1.00 19.33 ? 650 PRO A CD  1 
ATOM   102 N  N   . MET A 1 14 ? -1.653  11.635  -11.831 1.00 33.68 ? 651 MET A N   1 
ATOM   103 C  CA  . MET A 1 14 ? -0.249  11.228  -11.706 1.00 36.62 ? 651 MET A CA  1 
ATOM   104 C  C   . MET A 1 14 ? -0.050  9.932   -10.891 1.00 33.30 ? 651 MET A C   1 
ATOM   105 O  O   . MET A 1 14 ? 1.069   9.595   -10.513 1.00 37.34 ? 651 MET A O   1 
ATOM   106 C  CB  . MET A 1 14 ? 0.562   12.362  -11.071 1.00 40.00 ? 651 MET A CB  1 
ATOM   107 C  CG  . MET A 1 14 ? 0.663   13.609  -11.951 1.00 44.28 ? 651 MET A CG  1 
ATOM   108 S  SD  . MET A 1 14 ? 1.959   14.787  -11.460 1.00 45.80 ? 651 MET A SD  1 
ATOM   109 C  CE  . MET A 1 14 ? 3.352   13.696  -11.119 1.00 54.48 ? 651 MET A CE  1 
ATOM   110 N  N   . GLY A 1 15 ? -1.130  9.216   -10.608 1.00 32.03 ? 652 GLY A N   1 
ATOM   111 C  CA  . GLY A 1 15 ? -1.052  7.963   -9.857  1.00 32.53 ? 652 GLY A CA  1 
ATOM   112 C  C   . GLY A 1 15 ? -1.483  8.141   -8.419  1.00 34.17 ? 652 GLY A C   1 
ATOM   113 O  O   . GLY A 1 15 ? -2.098  9.168   -8.063  1.00 30.09 ? 652 GLY A O   1 
ATOM   114 N  N   . PHE A 1 16 ? -1.156  7.141   -7.596  1.00 32.63 ? 653 PHE A N   1 
ATOM   115 C  CA  . PHE A 1 16 ? -1.571  7.068   -6.181  1.00 38.09 ? 653 PHE A CA  1 
ATOM   116 C  C   . PHE A 1 16 ? -0.695  7.893   -5.215  1.00 39.59 ? 653 PHE A C   1 
ATOM   117 O  O   . PHE A 1 16 ? -1.147  8.251   -4.113  1.00 35.19 ? 653 PHE A O   1 
ATOM   118 C  CB  . PHE A 1 16 ? -1.535  5.617   -5.689  1.00 33.40 ? 653 PHE A CB  1 
ATOM   119 C  CG  . PHE A 1 16 ? -2.615  4.727   -6.259  1.00 27.00 ? 653 PHE A CG  1 
ATOM   120 C  CD1 . PHE A 1 16 ? -3.944  4.850   -5.839  1.00 29.36 ? 653 PHE A CD1 1 
ATOM   121 C  CD2 . PHE A 1 16 ? -2.291  3.721   -7.160  1.00 31.34 ? 653 PHE A CD2 1 
ATOM   122 C  CE1 . PHE A 1 16 ? -4.939  4.001   -6.337  1.00 27.86 ? 653 PHE A CE1 1 
ATOM   123 C  CE2 . PHE A 1 16 ? -3.260  2.866   -7.654  1.00 23.08 ? 653 PHE A CE2 1 
ATOM   124 C  CZ  . PHE A 1 16 ? -4.604  3.011   -7.251  1.00 28.55 ? 653 PHE A CZ  1 
ATOM   125 N  N   . GLY A 1 17 ? 0.559   8.141   -5.604  1.00 31.15 ? 654 GLY A N   1 
ATOM   126 C  CA  . GLY A 1 17 ? 1.461   9.017   -4.851  1.00 37.02 ? 654 GLY A CA  1 
ATOM   127 C  C   . GLY A 1 17 ? 2.334   8.341   -3.813  1.00 35.61 ? 654 GLY A C   1 
ATOM   128 O  O   . GLY A 1 17 ? 2.694   8.972   -2.819  1.00 35.03 ? 654 GLY A O   1 
ATOM   129 N  N   . PHE A 1 18 ? 2.680   7.074   -4.045  1.00 33.53 ? 655 PHE A N   1 
ATOM   130 C  CA  . PHE A 1 18 ? 3.626   6.340   -3.194  1.00 31.46 ? 655 PHE A CA  1 
ATOM   131 C  C   . PHE A 1 18 ? 4.333   5.203   -3.942  1.00 29.30 ? 655 PHE A C   1 
ATOM   132 O  O   . PHE A 1 18 ? 3.885   4.745   -4.991  1.00 34.59 ? 655 PHE A O   1 
ATOM   133 C  CB  . PHE A 1 18 ? 2.937   5.785   -1.925  1.00 32.12 ? 655 PHE A CB  1 
ATOM   134 C  CG  . PHE A 1 18 ? 1.906   4.735   -2.199  1.00 26.50 ? 655 PHE A CG  1 
ATOM   135 C  CD1 . PHE A 1 18 ? 2.248   3.389   -2.210  1.00 26.59 ? 655 PHE A CD1 1 
ATOM   136 C  CD2 . PHE A 1 18 ? 0.595   5.088   -2.447  1.00 29.76 ? 655 PHE A CD2 1 
ATOM   137 C  CE1 . PHE A 1 18 ? 1.296   2.419   -2.462  1.00 32.35 ? 655 PHE A CE1 1 
ATOM   138 C  CE2 . PHE A 1 18 ? -0.366  4.131   -2.700  1.00 36.02 ? 655 PHE A CE2 1 
ATOM   139 C  CZ  . PHE A 1 18 ? -0.014  2.790   -2.714  1.00 28.67 ? 655 PHE A CZ  1 
ATOM   140 N  N   . THR A 1 19 ? 5.427   4.746   -3.350  1.00 25.50 ? 656 THR A N   1 
ATOM   141 C  CA  . THR A 1 19 ? 6.278   3.685   -3.884  1.00 29.01 ? 656 THR A CA  1 
ATOM   142 C  C   . THR A 1 19 ? 6.348   2.542   -2.846  1.00 29.04 ? 656 THR A C   1 
ATOM   143 O  O   . THR A 1 19 ? 6.167   2.766   -1.632  1.00 27.01 ? 656 THR A O   1 
ATOM   144 C  CB  A THR A 1 19 ? 7.704   4.217   -4.258  0.50 31.68 ? 656 THR A CB  1 
ATOM   145 C  CB  B THR A 1 19 ? 7.706   4.234   -4.237  0.50 31.59 ? 656 THR A CB  1 
ATOM   146 O  OG1 A THR A 1 19 ? 7.643   5.018   -5.454  0.50 28.25 ? 656 THR A OG1 1 
ATOM   147 O  OG1 B THR A 1 19 ? 8.643   3.965   -3.189  0.50 16.74 ? 656 THR A OG1 1 
ATOM   148 C  CG2 A THR A 1 19 ? 8.664   3.076   -4.516  0.50 22.51 ? 656 THR A CG2 1 
ATOM   149 C  CG2 B THR A 1 19 ? 7.675   5.740   -4.479  0.50 34.63 ? 656 THR A CG2 1 
ATOM   150 N  N   . ILE A 1 20 ? 6.630   1.319   -3.298  1.00 21.85 ? 657 ILE A N   1 
ATOM   151 C  CA  . ILE A 1 20 ? 6.709   0.145   -2.409  1.00 20.63 ? 657 ILE A CA  1 
ATOM   152 C  C   . ILE A 1 20 ? 7.982   -0.645  -2.647  1.00 16.94 ? 657 ILE A C   1 
ATOM   153 O  O   . ILE A 1 20 ? 8.604   -0.501  -3.730  1.00 20.21 ? 657 ILE A O   1 
ATOM   154 C  CB  . ILE A 1 20 ? 5.471   -0.797  -2.600  1.00 21.08 ? 657 ILE A CB  1 
ATOM   155 C  CG1 . ILE A 1 20 ? 5.425   -1.417  -4.016  1.00 20.16 ? 657 ILE A CG1 1 
ATOM   156 C  CG2 . ILE A 1 20 ? 4.168   -0.041  -2.327  1.00 22.97 ? 657 ILE A CG2 1 
ATOM   157 C  CD1 . ILE A 1 20 ? 4.126   -2.172  -4.322  1.00 18.44 ? 657 ILE A CD1 1 
ATOM   158 N  N   . ALA A 1 21 ? 8.361   -1.486  -1.684  1.00 20.27 ? 658 ALA A N   1 
ATOM   159 C  CA  . ALA A 1 21 ? 9.488   -2.412  -1.794  1.00 18.76 ? 658 ALA A CA  1 
ATOM   160 C  C   . ALA A 1 21 ? 9.296   -3.597  -0.853  1.00 24.63 ? 658 ALA A C   1 
ATOM   161 O  O   . ALA A 1 21 ? 8.466   -3.520  0.021   1.00 23.32 ? 658 ALA A O   1 
ATOM   162 C  CB  . ALA A 1 21 ? 10.797  -1.677  -1.466  1.00 23.73 ? 658 ALA A CB  1 
ATOM   163 N  N   . ASP A 1 22 ? 10.074  -4.673  -1.030  1.00 23.53 ? 659 ASP A N   1 
ATOM   164 C  CA  . ASP A 1 22 ? 9.929   -5.933  -0.247  1.00 19.62 ? 659 ASP A CA  1 
ATOM   165 C  C   . ASP A 1 22 ? 10.170  -5.752  1.256   1.00 19.63 ? 659 ASP A C   1 
ATOM   166 O  O   . ASP A 1 22 ? 11.108  -5.060  1.632   1.00 22.78 ? 659 ASP A O   1 
ATOM   167 C  CB  . ASP A 1 22 ? 10.962  -6.991  -0.693  1.00 19.86 ? 659 ASP A CB  1 
ATOM   168 C  CG  . ASP A 1 22 ? 10.949  -7.253  -2.173  1.00 22.22 ? 659 ASP A CG  1 
ATOM   169 O  OD1 . ASP A 1 22 ? 9.882   -7.160  -2.802  1.00 20.07 ? 659 ASP A OD1 1 
ATOM   170 O  OD2 . ASP A 1 22 ? 12.026  -7.582  -2.704  1.00 28.49 ? 659 ASP A OD2 1 
ATOM   171 N  N   . SER A 1 23 ? 9.339   -6.409  2.080   1.00 22.17 ? 660 SER A N   1 
ATOM   172 C  CA  . SER A 1 23 ? 9.515   -6.420  3.542   1.00 19.53 ? 660 SER A CA  1 
ATOM   173 C  C   . SER A 1 23 ? 10.660  -7.361  3.939   1.00 20.14 ? 660 SER A C   1 
ATOM   174 O  O   . SER A 1 23 ? 10.720  -8.511  3.478   1.00 23.47 ? 660 SER A O   1 
ATOM   175 C  CB  . SER A 1 23 ? 8.214   -6.844  4.254   1.00 22.57 ? 660 SER A CB  1 
ATOM   176 O  OG  . SER A 1 23 ? 8.409   -7.057  5.641   1.00 27.15 ? 660 SER A OG  1 
ATOM   177 N  N   . PRO A 1 24 ? 11.572  -6.874  4.795   1.00 24.43 ? 661 PRO A N   1 
ATOM   178 C  CA  . PRO A 1 24 ? 12.708  -7.709  5.199   1.00 25.48 ? 661 PRO A CA  1 
ATOM   179 C  C   . PRO A 1 24 ? 12.268  -9.051  5.803   1.00 29.00 ? 661 PRO A C   1 
ATOM   180 O  O   . PRO A 1 24 ? 12.926  -10.056 5.587   1.00 28.01 ? 661 PRO A O   1 
ATOM   181 C  CB  . PRO A 1 24 ? 13.433  -6.845  6.225   1.00 27.33 ? 661 PRO A CB  1 
ATOM   182 C  CG  . PRO A 1 24 ? 13.031  -5.444  5.917   1.00 30.35 ? 661 PRO A CG  1 
ATOM   183 C  CD  . PRO A 1 24 ? 11.647  -5.512  5.358   1.00 24.53 ? 661 PRO A CD  1 
ATOM   184 N  N   . GLY A 1 25 ? 11.142  -9.058  6.519   1.00 29.95 ? 662 GLY A N   1 
ATOM   185 C  CA  . GLY A 1 25 ? 10.592  -10.279 7.124   1.00 29.76 ? 662 GLY A CA  1 
ATOM   186 C  C   . GLY A 1 25 ? 9.711   -11.151 6.233   1.00 29.24 ? 662 GLY A C   1 
ATOM   187 O  O   . GLY A 1 25 ? 9.161   -12.155 6.696   1.00 30.77 ? 662 GLY A O   1 
ATOM   188 N  N   . GLY A 1 26 ? 9.558   -10.763 4.969   1.00 22.44 ? 663 GLY A N   1 
ATOM   189 C  CA  . GLY A 1 26 ? 8.939   -11.608 3.956   1.00 26.75 ? 663 GLY A CA  1 
ATOM   190 C  C   . GLY A 1 26 ? 7.422   -11.662 3.979   1.00 27.11 ? 663 GLY A C   1 
ATOM   191 O  O   . GLY A 1 26 ? 6.834   -12.464 3.255   1.00 31.89 ? 663 GLY A O   1 
ATOM   192 N  N   . GLY A 1 27 ? 6.786   -10.813 4.784   1.00 31.14 ? 664 GLY A N   1 
ATOM   193 C  CA  . GLY A 1 27 ? 5.313   -10.745 4.837   1.00 27.66 ? 664 GLY A CA  1 
ATOM   194 C  C   . GLY A 1 27 ? 4.631   -9.843  3.819   1.00 28.08 ? 664 GLY A C   1 
ATOM   195 O  O   . GLY A 1 27 ? 3.480   -9.446  4.027   1.00 21.69 ? 664 GLY A O   1 
ATOM   196 N  N   . GLY A 1 28 ? 5.330   -9.494  2.739   1.00 26.00 ? 665 GLY A N   1 
ATOM   197 C  CA  . GLY A 1 28 ? 4.782   -8.607  1.709   1.00 30.55 ? 665 GLY A CA  1 
ATOM   198 C  C   . GLY A 1 28 ? 5.604   -7.365  1.368   1.00 25.85 ? 665 GLY A C   1 
ATOM   199 O  O   . GLY A 1 28 ? 6.809   -7.328  1.572   1.00 28.80 ? 665 GLY A O   1 
ATOM   200 N  N   . GLN A 1 29 ? 4.925   -6.376  0.790   1.00 19.40 ? 666 GLN A N   1 
ATOM   201 C  CA  . GLN A 1 29 ? 5.505   -5.081  0.422   1.00 19.52 ? 666 GLN A CA  1 
ATOM   202 C  C   . GLN A 1 29 ? 5.280   -4.015  1.468   1.00 19.10 ? 666 GLN A C   1 
ATOM   203 O  O   . GLN A 1 29 ? 4.193   -3.895  2.025   1.00 20.81 ? 666 GLN A O   1 
ATOM   204 C  CB  . GLN A 1 29 ? 4.871   -4.568  -0.882  1.00 18.27 ? 666 GLN A CB  1 
ATOM   205 C  CG  . GLN A 1 29 ? 5.135   -5.426  -2.096  1.00 16.22 ? 666 GLN A CG  1 
ATOM   206 C  CD  . GLN A 1 29 ? 6.594   -5.407  -2.489  1.00 16.92 ? 666 GLN A CD  1 
ATOM   207 O  OE1 . GLN A 1 29 ? 7.102   -4.385  -2.923  1.00 19.94 ? 666 GLN A OE1 1 
ATOM   208 N  NE2 . GLN A 1 29 ? 7.262   -6.535  -2.353  1.00 18.64 ? 666 GLN A NE2 1 
ATOM   209 N  N   . ARG A 1 30 ? 6.294   -3.209  1.699   1.00 19.62 ? 667 ARG A N   1 
ATOM   210 C  CA  . ARG A 1 30 ? 6.161   -2.055  2.563   1.00 21.64 ? 667 ARG A CA  1 
ATOM   211 C  C   . ARG A 1 30 ? 6.176   -0.805  1.727   1.00 20.28 ? 667 ARG A C   1 
ATOM   212 O  O   . ARG A 1 30 ? 6.773   -0.783  0.652   1.00 25.84 ? 667 ARG A O   1 
ATOM   213 C  CB  . ARG A 1 30 ? 7.272   -2.023  3.619   1.00 25.40 ? 667 ARG A CB  1 
ATOM   214 C  CG  . ARG A 1 30 ? 7.064   -3.075  4.674   1.00 27.18 ? 667 ARG A CG  1 
ATOM   215 C  CD  . ARG A 1 30 ? 8.126   -3.060  5.755   1.00 23.49 ? 667 ARG A CD  1 
ATOM   216 N  NE  . ARG A 1 30 ? 7.872   -4.149  6.684   1.00 22.08 ? 667 ARG A NE  1 
ATOM   217 C  CZ  . ARG A 1 30 ? 7.106   -4.062  7.760   1.00 21.53 ? 667 ARG A CZ  1 
ATOM   218 N  NH1 . ARG A 1 30 ? 6.535   -2.917  8.097   1.00 23.25 ? 667 ARG A NH1 1 
ATOM   219 N  NH2 . ARG A 1 30 ? 6.908   -5.132  8.516   1.00 25.25 ? 667 ARG A NH2 1 
ATOM   220 N  N   . VAL A 1 31 ? 5.501   0.224   2.217   1.00 18.08 ? 668 VAL A N   1 
ATOM   221 C  CA  . VAL A 1 31 ? 5.490   1.545   1.600   1.00 18.95 ? 668 VAL A CA  1 
ATOM   222 C  C   . VAL A 1 31 ? 6.900   2.138   1.760   1.00 24.13 ? 668 VAL A C   1 
ATOM   223 O  O   . VAL A 1 31 ? 7.364   2.390   2.878   1.00 23.21 ? 668 VAL A O   1 
ATOM   224 C  CB  . VAL A 1 31 ? 4.439   2.465   2.235   1.00 17.09 ? 668 VAL A CB  1 
ATOM   225 C  CG1 . VAL A 1 31 ? 4.522   3.858   1.650   1.00 17.36 ? 668 VAL A CG1 1 
ATOM   226 C  CG2 . VAL A 1 31 ? 3.026   1.883   2.075   1.00 17.21 ? 668 VAL A CG2 1 
ATOM   227 N  N   . LYS A 1 32 ? 7.578   2.323   0.632   1.00 22.36 ? 669 LYS A N   1 
ATOM   228 C  CA  . LYS A 1 32 ? 8.958   2.809   0.633   1.00 22.13 ? 669 LYS A CA  1 
ATOM   229 C  C   . LYS A 1 32 ? 8.980   4.324   0.811   1.00 24.55 ? 669 LYS A C   1 
ATOM   230 O  O   . LYS A 1 32 ? 9.603   4.851   1.742   1.00 26.60 ? 669 LYS A O   1 
ATOM   231 C  CB  . LYS A 1 32 ? 9.668   2.383   -0.663  1.00 22.27 ? 669 LYS A CB  1 
ATOM   232 C  CG  . LYS A 1 32 ? 11.056  2.967   -0.883  1.00 22.58 ? 669 LYS A CG  1 
ATOM   233 C  CD  . LYS A 1 32 ? 11.621  2.513   -2.218  1.00 35.57 ? 669 LYS A CD  1 
ATOM   234 C  CE  . LYS A 1 32 ? 12.747  3.422   -2.727  1.00 41.27 ? 669 LYS A CE  1 
ATOM   235 N  NZ  . LYS A 1 32 ? 12.746  3.426   -4.205  1.00 39.97 ? 669 LYS A NZ  1 
ATOM   236 N  N   . GLN A 1 33 ? 8.300   5.025   -0.087  1.00 21.76 ? 670 GLN A N   1 
ATOM   237 C  CA  . GLN A 1 33 ? 8.243   6.475   -0.040  1.00 24.43 ? 670 GLN A CA  1 
ATOM   238 C  C   . GLN A 1 33 ? 6.869   7.009   -0.380  1.00 24.14 ? 670 GLN A C   1 
ATOM   239 O  O   . GLN A 1 33 ? 6.198   6.494   -1.267  1.00 26.36 ? 670 GLN A O   1 
ATOM   240 C  CB  . GLN A 1 33 ? 9.281   7.069   -0.998  1.00 27.63 ? 670 GLN A CB  1 
ATOM   241 C  CG  . GLN A 1 33 ? 9.266   8.572   -1.069  1.00 27.09 ? 670 GLN A CG  1 
ATOM   242 C  CD  . GLN A 1 33 ? 10.381  9.108   -1.936  1.00 35.27 ? 670 GLN A CD  1 
ATOM   243 O  OE1 . GLN A 1 33 ? 10.913  8.399   -2.794  1.00 32.84 ? 670 GLN A OE1 1 
ATOM   244 N  NE2 . GLN A 1 33 ? 10.754  10.363  -1.708  1.00 25.88 ? 670 GLN A NE2 1 
ATOM   245 N  N   . ILE A 1 34 ? 6.460   8.049   0.335   1.00 23.43 ? 671 ILE A N   1 
ATOM   246 C  CA  . ILE A 1 34 ? 5.280   8.797   -0.025  1.00 22.91 ? 671 ILE A CA  1 
ATOM   247 C  C   . ILE A 1 34 ? 5.779   9.933   -0.887  1.00 26.16 ? 671 ILE A C   1 
ATOM   248 O  O   . ILE A 1 34 ? 6.295   10.940  -0.370  1.00 27.91 ? 671 ILE A O   1 
ATOM   249 C  CB  . ILE A 1 34 ? 4.519   9.351   1.202   1.00 26.27 ? 671 ILE A CB  1 
ATOM   250 C  CG1 . ILE A 1 34 ? 4.248   8.249   2.248   1.00 32.66 ? 671 ILE A CG1 1 
ATOM   251 C  CG2 . ILE A 1 34 ? 3.215   9.994   0.751   1.00 24.04 ? 671 ILE A CG2 1 
ATOM   252 C  CD1 . ILE A 1 34 ? 3.253   7.207   1.822   1.00 31.91 ? 671 ILE A CD1 1 
ATOM   253 N  N   . VAL A 1 35 ? 5.680   9.743   -2.204  1.00 30.19 ? 672 VAL A N   1 
ATOM   254 C  CA  . VAL A 1 35 ? 6.025   10.782  -3.180  1.00 30.54 ? 672 VAL A CA  1 
ATOM   255 C  C   . VAL A 1 35 ? 5.027   11.952  -3.139  1.00 31.90 ? 672 VAL A C   1 
ATOM   256 O  O   . VAL A 1 35 ? 5.371   13.060  -3.511  1.00 37.33 ? 672 VAL A O   1 
ATOM   257 C  CB  . VAL A 1 35 ? 6.095   10.207  -4.613  1.00 29.82 ? 672 VAL A CB  1 
ATOM   258 N  N   . ASP A 1 36 ? 3.798   11.695  -2.690  1.00 35.53 ? 673 ASP A N   1 
ATOM   259 C  CA  . ASP A 1 36 ? 2.797   12.746  -2.483  1.00 39.45 ? 673 ASP A CA  1 
ATOM   260 C  C   . ASP A 1 36 ? 2.670   13.089  -0.984  1.00 42.19 ? 673 ASP A C   1 
ATOM   261 O  O   . ASP A 1 36 ? 1.623   12.905  -0.350  1.00 42.06 ? 673 ASP A O   1 
ATOM   262 C  CB  . ASP A 1 36 ? 1.454   12.303  -3.063  1.00 43.17 ? 673 ASP A CB  1 
ATOM   263 C  CG  . ASP A 1 36 ? 0.527   13.468  -3.360  1.00 45.89 ? 673 ASP A CG  1 
ATOM   264 O  OD1 . ASP A 1 36 ? 0.141   14.188  -2.408  1.00 60.24 ? 673 ASP A OD1 1 
ATOM   265 O  OD2 . ASP A 1 36 ? 0.166   13.644  -4.549  1.00 39.47 ? 673 ASP A OD2 1 
ATOM   266 N  N   . ARG A 1 39 ? -2.476  13.047  -1.350  1.00 34.35 ? 676 ARG A N   1 
ATOM   267 C  CA  . ARG A 1 39 ? -3.308  12.013  -1.981  1.00 29.68 ? 676 ARG A CA  1 
ATOM   268 C  C   . ARG A 1 39 ? -3.350  10.749  -1.148  1.00 28.65 ? 676 ARG A C   1 
ATOM   269 O  O   . ARG A 1 39 ? -4.427  10.141  -0.958  1.00 10.10 ? 676 ARG A O   1 
ATOM   270 C  CB  . ARG A 1 39 ? -2.772  11.674  -3.372  1.00 31.43 ? 676 ARG A CB  1 
ATOM   271 C  CG  . ARG A 1 39 ? -3.603  10.634  -4.126  1.00 26.06 ? 676 ARG A CG  1 
ATOM   272 C  CD  . ARG A 1 39 ? -3.392  10.723  -5.626  1.00 38.43 ? 676 ARG A CD  1 
ATOM   273 N  NE  . ARG A 1 39 ? -3.769  12.034  -6.164  1.00 36.33 ? 676 ARG A NE  1 
ATOM   274 C  CZ  . ARG A 1 39 ? -5.018  12.445  -6.395  1.00 30.94 ? 676 ARG A CZ  1 
ATOM   275 N  NH1 . ARG A 1 39 ? -6.057  11.661  -6.147  1.00 7.06  ? 676 ARG A NH1 1 
ATOM   276 N  NH2 . ARG A 1 39 ? -5.231  13.660  -6.883  1.00 33.20 ? 676 ARG A NH2 1 
ATOM   277 N  N   . SER A 1 40 ? -2.163  10.358  -0.678  1.00 30.60 ? 677 SER A N   1 
ATOM   278 C  CA  . SER A 1 40 ? -1.962  9.182   0.150   1.00 32.29 ? 677 SER A CA  1 
ATOM   279 C  C   . SER A 1 40 ? -1.960  9.577   1.618   1.00 34.38 ? 677 SER A C   1 
ATOM   280 O  O   . SER A 1 40 ? -1.133  9.094   2.377   1.00 42.61 ? 677 SER A O   1 
ATOM   281 C  CB  . SER A 1 40 ? -0.615  8.540   -0.201  1.00 35.50 ? 677 SER A CB  1 
ATOM   282 N  N   . ARG A 1 41 ? -2.898  10.436  2.017   1.00 28.91 ? 678 ARG A N   1 
ATOM   283 C  CA  . ARG A 1 41 ? -2.805  11.168  3.292   1.00 33.28 ? 678 ARG A CA  1 
ATOM   284 C  C   . ARG A 1 41 ? -2.729  10.296  4.552   1.00 33.44 ? 678 ARG A C   1 
ATOM   285 O  O   . ARG A 1 41 ? -2.057  10.664  5.529   1.00 39.28 ? 678 ARG A O   1 
ATOM   286 C  CB  . ARG A 1 41 ? -3.957  12.176  3.428   1.00 30.45 ? 678 ARG A CB  1 
ATOM   287 N  N   . GLY A 1 42 ? -3.398  9.151   4.535   1.00 29.40 ? 679 GLY A N   1 
ATOM   288 C  CA  . GLY A 1 42 ? -3.381  8.264   5.684   1.00 25.52 ? 679 GLY A CA  1 
ATOM   289 C  C   . GLY A 1 42 ? -2.329  7.162   5.651   1.00 22.51 ? 679 GLY A C   1 
ATOM   290 O  O   . GLY A 1 42 ? -2.296  6.336   6.550   1.00 28.19 ? 679 GLY A O   1 
ATOM   291 N  N   . LEU A 1 43 ? -1.494  7.122   4.612   1.00 12.58 ? 680 LEU A N   1 
ATOM   292 C  CA  . LEU A 1 43 ? -0.441  6.106   4.505   1.00 5.61  ? 680 LEU A CA  1 
ATOM   293 C  C   . LEU A 1 43 ? 0.844   6.636   5.162   1.00 5.58  ? 680 LEU A C   1 
ATOM   294 O  O   . LEU A 1 43 ? 0.993   7.855   5.298   1.00 16.29 ? 680 LEU A O   1 
ATOM   295 C  CB  . LEU A 1 43 ? -0.206  5.799   3.047   1.00 5.39  ? 680 LEU A CB  1 
ATOM   296 C  CG  . LEU A 1 43 ? 0.410   4.488   2.546   1.00 13.23 ? 680 LEU A CG  1 
ATOM   297 C  CD1 . LEU A 1 43 ? -0.385  3.162   2.903   1.00 20.16 ? 680 LEU A CD1 1 
ATOM   298 C  CD2 . LEU A 1 43 ? 0.594   4.593   1.024   1.00 10.10 ? 680 LEU A CD2 1 
ATOM   299 N  N   . LYS A 1 44 ? 1.731   5.730   5.596   1.00 9.97  ? 681 LYS A N   1 
ATOM   300 C  CA  . LYS A 1 44 ? 3.002   6.156   6.178   1.00 14.10 ? 681 LYS A CA  1 
ATOM   301 C  C   . LYS A 1 44 ? 4.098   5.270   5.633   1.00 8.42  ? 681 LYS A C   1 
ATOM   302 O  O   . LYS A 1 44 ? 3.848   4.084   5.375   1.00 10.28 ? 681 LYS A O   1 
ATOM   303 C  CB  . LYS A 1 44 ? 2.984   6.049   7.704   1.00 16.71 ? 681 LYS A CB  1 
ATOM   304 C  CG  . LYS A 1 44 ? 2.076   7.032   8.411   1.00 14.61 ? 681 LYS A CG  1 
ATOM   305 C  CD  . LYS A 1 44 ? 2.575   7.340   9.816   1.00 29.86 ? 681 LYS A CD  1 
ATOM   306 N  N   . GLU A 1 45 ? 5.312   5.811   5.485   1.00 7.43  ? 682 GLU A N   1 
ATOM   307 C  CA  . GLU A 1 45 ? 6.449   4.973   5.133   1.00 14.27 ? 682 GLU A CA  1 
ATOM   308 C  C   . GLU A 1 45 ? 6.624   3.839   6.145   1.00 9.56  ? 682 GLU A C   1 
ATOM   309 O  O   . GLU A 1 45 ? 6.427   4.018   7.349   1.00 14.04 ? 682 GLU A O   1 
ATOM   310 C  CB  . GLU A 1 45 ? 7.717   5.852   5.001   1.00 9.12  ? 682 GLU A CB  1 
ATOM   311 C  CG  . GLU A 1 45 ? 7.570   6.936   3.919   1.00 22.09 ? 682 GLU A CG  1 
ATOM   312 C  CD  . GLU A 1 45 ? 8.793   7.827   3.736   1.00 38.43 ? 682 GLU A CD  1 
ATOM   313 O  OE1 . GLU A 1 45 ? 9.778   7.705   4.515   1.00 25.08 ? 682 GLU A OE1 1 
ATOM   314 O  OE2 . GLU A 1 45 ? 8.749   8.659   2.795   1.00 21.00 ? 682 GLU A OE2 1 
ATOM   315 N  N   . GLY A 1 46 ? 6.942   2.645   5.652   1.00 8.30  ? 683 GLY A N   1 
ATOM   316 C  CA  . GLY A 1 46 ? 7.108   1.428   6.449   1.00 7.81  ? 683 GLY A CA  1 
ATOM   317 C  C   . GLY A 1 46 ? 5.862   0.589   6.637   1.00 7.66  ? 683 GLY A C   1 
ATOM   318 O  O   . GLY A 1 46 ? 5.957   -0.558  7.072   1.00 12.26 ? 683 GLY A O   1 
ATOM   319 N  N   . ASP A 1 47 ? 4.684   1.119   6.295   1.00 10.91 ? 684 ASP A N   1 
ATOM   320 C  CA  . ASP A 1 47 ? 3.410   0.381   6.361   1.00 12.34 ? 684 ASP A CA  1 
ATOM   321 C  C   . ASP A 1 47 ? 3.563   -0.911  5.552   1.00 13.72 ? 684 ASP A C   1 
ATOM   322 O  O   . ASP A 1 47 ? 3.999   -0.865  4.382   1.00 12.30 ? 684 ASP A O   1 
ATOM   323 C  CB  . ASP A 1 47 ? 2.230   1.207   5.798   1.00 15.71 ? 684 ASP A CB  1 
ATOM   324 C  CG  . ASP A 1 47 ? 1.718   2.268   6.741   1.00 12.81 ? 684 ASP A CG  1 
ATOM   325 O  OD1 . ASP A 1 47 ? 2.169   2.381   7.914   1.00 12.83 ? 684 ASP A OD1 1 
ATOM   326 O  OD2 . ASP A 1 47 ? 0.881   3.053   6.243   1.00 15.13 ? 684 ASP A OD2 1 
ATOM   327 N  N   . LEU A 1 48 ? 3.268   -2.053  6.168   1.00 13.50 ? 685 LEU A N   1 
ATOM   328 C  CA  . LEU A 1 48 ? 3.181   -3.311  5.465   1.00 12.43 ? 685 LEU A CA  1 
ATOM   329 C  C   . LEU A 1 48 ? 1.802   -3.410  4.798   1.00 16.37 ? 685 LEU A C   1 
ATOM   330 O  O   . LEU A 1 48 ? 0.781   -3.326  5.468   1.00 13.27 ? 685 LEU A O   1 
ATOM   331 C  CB  . LEU A 1 48 ? 3.413   -4.494  6.419   1.00 10.71 ? 685 LEU A CB  1 
ATOM   332 C  CG  . LEU A 1 48 ? 3.392   -5.963  5.943   1.00 14.08 ? 685 LEU A CG  1 
ATOM   333 C  CD1 . LEU A 1 48 ? 4.627   -6.223  5.004   1.00 13.98 ? 685 LEU A CD1 1 
ATOM   334 C  CD2 . LEU A 1 48 ? 3.295   -7.080  7.053   1.00 18.38 ? 685 LEU A CD2 1 
ATOM   335 N  N   . ILE A 1 49 ? 1.785   -3.595  3.479   1.00 12.08 ? 686 ILE A N   1 
ATOM   336 C  CA  . ILE A 1 49 ? 0.524   -3.829  2.745   1.00 11.05 ? 686 ILE A CA  1 
ATOM   337 C  C   . ILE A 1 49 ? 0.060   -5.253  2.925   1.00 13.38 ? 686 ILE A C   1 
ATOM   338 O  O   . ILE A 1 49 ? 0.689   -6.178  2.414   1.00 13.51 ? 686 ILE A O   1 
ATOM   339 C  CB  . ILE A 1 49 ? 0.711   -3.536  1.275   1.00 9.97  ? 686 ILE A CB  1 
ATOM   340 C  CG1 . ILE A 1 49 ? 1.180   -2.082  1.091   1.00 13.60 ? 686 ILE A CG1 1 
ATOM   341 C  CG2 . ILE A 1 49 ? -0.634  -3.703  0.574   1.00 11.99 ? 686 ILE A CG2 1 
ATOM   342 C  CD1 . ILE A 1 49 ? 1.455   -1.688  -0.350  1.00 15.64 ? 686 ILE A CD1 1 
ATOM   343 N  N   . VAL A 1 50 ? -1.058  -5.427  3.624   1.00 11.27 ? 687 VAL A N   1 
ATOM   344 C  CA  . VAL A 1 50 ? -1.583  -6.797  3.900   1.00 7.70  ? 687 VAL A CA  1 
ATOM   345 C  C   . VAL A 1 50 ? -2.651  -7.106  2.857   1.00 9.24  ? 687 VAL A C   1 
ATOM   346 O  O   . VAL A 1 50 ? -2.724  -8.209  2.388   1.00 10.46 ? 687 VAL A O   1 
ATOM   347 C  CB  . VAL A 1 50 ? -2.187  -6.913  5.325   1.00 9.90  ? 687 VAL A CB  1 
ATOM   348 C  CG1 . VAL A 1 50 ? -2.682  -8.382  5.687   1.00 10.64 ? 687 VAL A CG1 1 
ATOM   349 C  CG2 . VAL A 1 50 ? -1.136  -6.447  6.339   1.00 15.27 ? 687 VAL A CG2 1 
ATOM   350 N  N   . GLU A 1 51 ? -3.486  -6.140  2.513   1.00 10.29 ? 688 GLU A N   1 
ATOM   351 C  CA  . GLU A 1 51 ? -4.579  -6.336  1.528   1.00 9.93  ? 688 GLU A CA  1 
ATOM   352 C  C   . GLU A 1 51 ? -4.656  -5.155  0.566   1.00 9.80  ? 688 GLU A C   1 
ATOM   353 O  O   . GLU A 1 51 ? -4.309  -4.065  0.918   1.00 15.27 ? 688 GLU A O   1 
ATOM   354 C  CB  . GLU A 1 51 ? -5.922  -6.403  2.248   1.00 9.09  ? 688 GLU A CB  1 
ATOM   355 C  CG  . GLU A 1 51 ? -6.113  -7.565  3.234   1.00 8.48  ? 688 GLU A CG  1 
ATOM   356 C  CD  . GLU A 1 51 ? -7.392  -7.427  4.105   1.00 5.33  ? 688 GLU A CD  1 
ATOM   357 O  OE1 . GLU A 1 51 ? -8.122  -6.332  4.071   1.00 11.92 ? 688 GLU A OE1 1 
ATOM   358 O  OE2 . GLU A 1 51 ? -7.618  -8.312  4.881   1.00 11.99 ? 688 GLU A OE2 1 
ATOM   359 N  N   . VAL A 1 52 ? -5.138  -5.398  -0.662  1.00 8.97  ? 689 VAL A N   1 
ATOM   360 C  CA  . VAL A 1 52 ? -5.597  -4.417  -1.634  1.00 12.26 ? 689 VAL A CA  1 
ATOM   361 C  C   . VAL A 1 52 ? -7.076  -4.790  -1.921  1.00 10.01 ? 689 VAL A C   1 
ATOM   362 O  O   . VAL A 1 52 ? -7.368  -5.951  -2.263  1.00 11.56 ? 689 VAL A O   1 
ATOM   363 C  CB  . VAL A 1 52 ? -4.776  -4.436  -2.959  1.00 10.45 ? 689 VAL A CB  1 
ATOM   364 C  CG1 . VAL A 1 52 ? -5.353  -3.436  -3.996  1.00 11.31 ? 689 VAL A CG1 1 
ATOM   365 C  CG2 . VAL A 1 52 ? -3.298  -4.072  -2.660  1.00 13.28 ? 689 VAL A CG2 1 
ATOM   366 N  N   . ASN A 1 53 ? -7.978  -3.834  -1.715  1.00 9.86  ? 690 ASN A N   1 
ATOM   367 C  CA  . ASN A 1 53 ? -9.406  -4.025  -1.940  1.00 11.34 ? 690 ASN A CA  1 
ATOM   368 C  C   . ASN A 1 53 ? -9.949  -5.267  -1.188  1.00 8.66  ? 690 ASN A C   1 
ATOM   369 O  O   . ASN A 1 53 ? -10.723 -6.079  -1.711  1.00 9.22  ? 690 ASN A O   1 
ATOM   370 C  CB  . ASN A 1 53 ? -9.688  -4.065  -3.457  1.00 8.32  ? 690 ASN A CB  1 
ATOM   371 C  CG  . ASN A 1 53 ? -9.366  -2.701  -4.167  1.00 7.14  ? 690 ASN A CG  1 
ATOM   372 O  OD1 . ASN A 1 53 ? -9.515  -1.613  -3.585  1.00 15.37 ? 690 ASN A OD1 1 
ATOM   373 N  ND2 . ASN A 1 53 ? -9.004  -2.775  -5.473  1.00 10.62 ? 690 ASN A ND2 1 
ATOM   374 N  N   . LYS A 1 54 ? -9.539  -5.339  0.064   1.00 9.70  ? 691 LYS A N   1 
ATOM   375 C  CA  . LYS A 1 54 ? -9.950  -6.399  1.017   1.00 13.10 ? 691 LYS A CA  1 
ATOM   376 C  C   . LYS A 1 54 ? -9.489  -7.796  0.732   1.00 16.48 ? 691 LYS A C   1 
ATOM   377 O  O   . LYS A 1 54 ? -9.934  -8.710  1.361   1.00 11.44 ? 691 LYS A O   1 
ATOM   378 C  CB  . LYS A 1 54 ? -11.477 -6.384  1.226   1.00 16.38 ? 691 LYS A CB  1 
ATOM   379 C  CG  . LYS A 1 54 ? -11.944 -5.126  1.888   1.00 15.25 ? 691 LYS A CG  1 
ATOM   380 C  CD  . LYS A 1 54 ? -13.372 -5.232  2.396   1.00 27.39 ? 691 LYS A CD  1 
ATOM   381 C  CE  . LYS A 1 54 ? -13.613 -4.162  3.431   1.00 35.06 ? 691 LYS A CE  1 
ATOM   382 N  N   . LYS A 1 55 ? -8.581  -7.946  -0.217  1.00 14.15 ? 692 LYS A N   1 
ATOM   383 C  CA  . LYS A 1 55 ? -8.091  -9.211  -0.618  1.00 11.76 ? 692 LYS A CA  1 
ATOM   384 C  C   . LYS A 1 55 ? -6.625  -9.299  -0.181  1.00 12.45 ? 692 LYS A C   1 
ATOM   385 O  O   . LYS A 1 55 ? -5.827  -8.413  -0.419  1.00 11.00 ? 692 LYS A O   1 
ATOM   386 C  CB  . LYS A 1 55 ? -8.231  -9.314  -2.147  1.00 13.32 ? 692 LYS A CB  1 
ATOM   387 C  CG  . LYS A 1 55 ? -9.675  -9.458  -2.596  1.00 20.54 ? 692 LYS A CG  1 
ATOM   388 C  CD  . LYS A 1 55 ? -9.841  -9.208  -4.103  1.00 39.84 ? 692 LYS A CD  1 
ATOM   389 C  CE  . LYS A 1 55 ? -10.395 -7.802  -4.422  1.00 32.15 ? 692 LYS A CE  1 
ATOM   390 N  NZ  . LYS A 1 55 ? -10.772 -7.671  -5.868  1.00 37.98 ? 692 LYS A NZ  1 
ATOM   391 N  N   . ASN A 1 56 ? -6.212  -10.403 0.414   1.00 11.78 ? 693 ASN A N   1 
ATOM   392 C  CA  . ASN A 1 56 ? -4.823  -10.490 0.864   1.00 12.79 ? 693 ASN A CA  1 
ATOM   393 C  C   . ASN A 1 56 ? -3.826  -10.500 -0.306  1.00 10.23 ? 693 ASN A C   1 
ATOM   394 O  O   . ASN A 1 56 ? -4.035  -11.221 -1.274  1.00 13.26 ? 693 ASN A O   1 
ATOM   395 C  CB  . ASN A 1 56 ? -4.645  -11.762 1.691   1.00 13.30 ? 693 ASN A CB  1 
ATOM   396 C  CG  . ASN A 1 56 ? -3.342  -11.763 2.486   1.00 14.08 ? 693 ASN A CG  1 
ATOM   397 O  OD1 . ASN A 1 56 ? -2.287  -12.089 1.949   1.00 12.51 ? 693 ASN A OD1 1 
ATOM   398 N  ND2 . ASN A 1 56 ? -3.411  -11.348 3.763   1.00 14.84 ? 693 ASN A ND2 1 
ATOM   399 N  N   . VAL A 1 57 ? -2.729  -9.784  -0.147  1.00 9.14  ? 694 VAL A N   1 
ATOM   400 C  CA  . VAL A 1 57 ? -1.663  -9.702  -1.191  1.00 12.34 ? 694 VAL A CA  1 
ATOM   401 C  C   . VAL A 1 57 ? -0.285  -10.038 -0.641  1.00 17.52 ? 694 VAL A C   1 
ATOM   402 O  O   . VAL A 1 57 ? 0.727   -9.773  -1.309  1.00 14.70 ? 694 VAL A O   1 
ATOM   403 C  CB  . VAL A 1 57 ? -1.636  -8.300  -1.885  1.00 8.55  ? 694 VAL A CB  1 
ATOM   404 C  CG1 . VAL A 1 57 ? -3.020  -8.024  -2.503  1.00 9.44  ? 694 VAL A CG1 1 
ATOM   405 C  CG2 . VAL A 1 57 ? -1.261  -7.205  -0.933  1.00 13.62 ? 694 VAL A CG2 1 
ATOM   406 N  N   . GLN A 1 58 ? -0.235  -10.643 0.549   1.00 13.75 ? 695 GLN A N   1 
ATOM   407 C  CA  . GLN A 1 58 ? 1.039   -10.937 1.220   1.00 13.60 ? 695 GLN A CA  1 
ATOM   408 C  C   . GLN A 1 58 ? 1.907   -11.935 0.458   1.00 12.48 ? 695 GLN A C   1 
ATOM   409 O  O   . GLN A 1 58 ? 3.132   -11.867 0.538   1.00 15.28 ? 695 GLN A O   1 
ATOM   410 C  CB  . GLN A 1 58 ? 0.826   -11.399 2.647   1.00 13.60 ? 695 GLN A CB  1 
ATOM   411 C  CG  . GLN A 1 58 ? 0.244   -10.304 3.498   1.00 14.83 ? 695 GLN A CG  1 
ATOM   412 C  CD  . GLN A 1 58 ? 0.193   -10.686 4.921   1.00 21.06 ? 695 GLN A CD  1 
ATOM   413 O  OE1 . GLN A 1 58 ? -0.719  -11.413 5.363   1.00 18.09 ? 695 GLN A OE1 1 
ATOM   414 N  NE2 . GLN A 1 58 ? 1.208   -10.243 5.673   1.00 17.76 ? 695 GLN A NE2 1 
ATOM   415 N  N   . ALA A 1 59 ? 1.279   -12.803 -0.329  1.00 12.99 ? 696 ALA A N   1 
ATOM   416 C  CA  . ALA A 1 59 ? 2.037   -13.854 -1.069  1.00 14.54 ? 696 ALA A CA  1 
ATOM   417 C  C   . ALA A 1 59 ? 2.378   -13.373 -2.476  1.00 16.80 ? 696 ALA A C   1 
ATOM   418 O  O   . ALA A 1 59 ? 2.987   -14.114 -3.254  1.00 20.58 ? 696 ALA A O   1 
ATOM   419 C  CB  . ALA A 1 59 ? 1.278   -15.153 -1.149  1.00 18.99 ? 696 ALA A CB  1 
ATOM   420 N  N   . LEU A 1 60 ? 1.975   -12.162 -2.836  1.00 12.26 ? 697 LEU A N   1 
ATOM   421 C  CA  . LEU A 1 60 ? 2.375   -11.615 -4.106  1.00 13.54 ? 697 LEU A CA  1 
ATOM   422 C  C   . LEU A 1 60 ? 3.734   -10.920 -4.041  1.00 11.84 ? 697 LEU A C   1 
ATOM   423 O  O   . LEU A 1 60 ? 4.148   -10.368 -3.003  1.00 14.70 ? 697 LEU A O   1 
ATOM   424 C  CB  . LEU A 1 60 ? 1.357   -10.568 -4.575  1.00 13.24 ? 697 LEU A CB  1 
ATOM   425 C  CG  . LEU A 1 60 ? -0.081  -11.016 -4.822  1.00 14.96 ? 697 LEU A CG  1 
ATOM   426 C  CD1 . LEU A 1 60 ? -0.869  -9.866  -5.389  1.00 14.66 ? 697 LEU A CD1 1 
ATOM   427 C  CD2 . LEU A 1 60 ? -0.161  -12.166 -5.695  1.00 15.01 ? 697 LEU A CD2 1 
ATOM   428 N  N   . THR A 1 61 ? 4.420   -10.917 -5.178  1.00 15.17 ? 698 THR A N   1 
ATOM   429 C  CA  . THR A 1 61 ? 5.737   -10.352 -5.280  1.00 11.37 ? 698 THR A CA  1 
ATOM   430 C  C   . THR A 1 61 ? 5.611   -8.862  -5.521  1.00 7.16  ? 698 THR A C   1 
ATOM   431 O  O   . THR A 1 61 ? 4.526   -8.303  -5.780  1.00 17.73 ? 698 THR A O   1 
ATOM   432 C  CB  . THR A 1 61 ? 6.490   -10.918 -6.498  1.00 17.37 ? 698 THR A CB  1 
ATOM   433 O  OG1 . THR A 1 61 ? 5.837   -10.540 -7.714  1.00 16.07 ? 698 THR A OG1 1 
ATOM   434 C  CG2 . THR A 1 61 ? 6.563   -12.438 -6.448  1.00 12.42 ? 698 THR A CG2 1 
ATOM   435 N  N   . HIS A 1 62 ? 6.767   -8.218  -5.474  1.00 11.29 ? 699 HIS A N   1 
ATOM   436 C  CA  . HIS A 1 62 ? 6.812   -6.800  -5.736  1.00 8.78  ? 699 HIS A CA  1 
ATOM   437 C  C   . HIS A 1 62 ? 6.166   -6.474  -7.060  1.00 19.51 ? 699 HIS A C   1 
ATOM   438 O  O   . HIS A 1 62 ? 5.361   -5.562  -7.114  1.00 10.62 ? 699 HIS A O   1 
ATOM   439 C  CB  . HIS A 1 62 ? 8.285   -6.323  -5.755  1.00 10.70 ? 699 HIS A CB  1 
ATOM   440 C  CG  . HIS A 1 62 ? 8.455   -4.889  -6.124  1.00 12.62 ? 699 HIS A CG  1 
ATOM   441 N  ND1 . HIS A 1 62 ? 8.171   -3.853  -5.265  1.00 12.88 ? 699 HIS A ND1 1 
ATOM   442 C  CD2 . HIS A 1 62 ? 8.851   -4.324  -7.290  1.00 14.43 ? 699 HIS A CD2 1 
ATOM   443 C  CE1 . HIS A 1 62 ? 8.385   -2.710  -5.878  1.00 10.54 ? 699 HIS A CE1 1 
ATOM   444 N  NE2 . HIS A 1 62 ? 8.786   -2.963  -7.115  1.00 12.47 ? 699 HIS A NE2 1 
ATOM   445 N  N   . ASN A 1 63 ? 6.564   -7.177  -8.118  1.00 17.29 ? 700 ASN A N   1 
ATOM   446 C  CA  . ASN A 1 63 ? 6.101   -6.885  -9.492  1.00 14.60 ? 700 ASN A CA  1 
ATOM   447 C  C   . ASN A 1 63 ? 4.593   -7.079  -9.652  1.00 13.81 ? 700 ASN A C   1 
ATOM   448 O  O   . ASN A 1 63 ? 3.893   -6.333  -10.371 1.00 13.21 ? 700 ASN A O   1 
ATOM   449 C  CB  . ASN A 1 63 ? 6.807   -7.799  -10.532 1.00 14.46 ? 700 ASN A CB  1 
ATOM   450 C  CG  . ASN A 1 63 ? 8.213   -7.452  -10.762 1.00 31.35 ? 700 ASN A CG  1 
ATOM   451 O  OD1 . ASN A 1 63 ? 8.648   -6.333  -10.457 1.00 24.73 ? 700 ASN A OD1 1 
ATOM   452 N  ND2 . ASN A 1 63 ? 8.961   -8.409  -11.355 1.00 13.64 ? 700 ASN A ND2 1 
ATOM   453 N  N   . GLN A 1 64 ? 4.078   -8.049  -8.942  1.00 10.70 ? 701 GLN A N   1 
ATOM   454 C  CA  . GLN A 1 64 ? 2.659   -8.321  -8.950  1.00 11.12 ? 701 GLN A CA  1 
ATOM   455 C  C   . GLN A 1 64 ? 1.857   -7.225  -8.286  1.00 13.24 ? 701 GLN A C   1 
ATOM   456 O  O   . GLN A 1 64 ? 0.797   -6.885  -8.758  1.00 15.11 ? 701 GLN A O   1 
ATOM   457 C  CB  . GLN A 1 64 ? 2.384   -9.652  -8.307  1.00 15.02 ? 701 GLN A CB  1 
ATOM   458 C  CG  . GLN A 1 64 ? 2.837   -10.854 -9.091  1.00 18.33 ? 701 GLN A CG  1 
ATOM   459 C  CD  . GLN A 1 64 ? 2.518   -12.155 -8.367  1.00 18.07 ? 701 GLN A CD  1 
ATOM   460 O  OE1 . GLN A 1 64 ? 2.940   -12.379 -7.245  1.00 16.17 ? 701 GLN A OE1 1 
ATOM   461 N  NE2 . GLN A 1 64 ? 1.718   -12.978 -8.996  1.00 19.59 ? 701 GLN A NE2 1 
ATOM   462 N  N   . VAL A 1 65 ? 2.311   -6.745  -7.125  1.00 13.44 ? 702 VAL A N   1 
ATOM   463 C  CA  . VAL A 1 65 ? 1.611   -5.674  -6.461  1.00 11.92 ? 702 VAL A CA  1 
ATOM   464 C  C   . VAL A 1 65 ? 1.694   -4.427  -7.278  1.00 15.75 ? 702 VAL A C   1 
ATOM   465 O  O   . VAL A 1 65 ? 0.699   -3.737  -7.465  1.00 10.32 ? 702 VAL A O   1 
ATOM   466 C  CB  . VAL A 1 65 ? 2.071   -5.493  -4.982  1.00 11.32 ? 702 VAL A CB  1 
ATOM   467 C  CG1 . VAL A 1 65 ? 1.329   -4.320  -4.321  1.00 15.03 ? 702 VAL A CG1 1 
ATOM   468 C  CG2 . VAL A 1 65 ? 1.862   -6.749  -4.230  1.00 16.07 ? 702 VAL A CG2 1 
ATOM   469 N  N   . VAL A 1 66 ? 2.855   -4.142  -7.858  1.00 14.44 ? 703 VAL A N   1 
ATOM   470 C  CA  . VAL A 1 66 ? 2.968   -2.947  -8.672  1.00 8.57  ? 703 VAL A CA  1 
ATOM   471 C  C   . VAL A 1 66 ? 1.991   -2.970  -9.874  1.00 7.49  ? 703 VAL A C   1 
ATOM   472 O  O   . VAL A 1 66 ? 1.341   -1.954  -10.163 1.00 11.86 ? 703 VAL A O   1 
ATOM   473 C  CB  . VAL A 1 66 ? 4.436   -2.733  -9.151  1.00 11.79 ? 703 VAL A CB  1 
ATOM   474 C  CG1 . VAL A 1 66 ? 4.570   -1.713  -10.345 1.00 12.33 ? 703 VAL A CG1 1 
ATOM   475 C  CG2 . VAL A 1 66 ? 5.287   -2.290  -7.973  1.00 13.01 ? 703 VAL A CG2 1 
ATOM   476 N  N   . ASP A 1 67 ? 1.912   -4.094  -10.559 1.00 12.11 ? 704 ASP A N   1 
ATOM   477 C  CA  . ASP A 1 67 ? 1.078   -4.221  -11.731 1.00 10.95 ? 704 ASP A CA  1 
ATOM   478 C  C   . ASP A 1 67 ? -0.397  -4.125  -11.334 1.00 15.30 ? 704 ASP A C   1 
ATOM   479 O  O   . ASP A 1 67 ? -1.183  -3.577  -12.058 1.00 12.62 ? 704 ASP A O   1 
ATOM   480 C  CB  . ASP A 1 67 ? 1.345   -5.553  -12.423 1.00 14.34 ? 704 ASP A CB  1 
ATOM   481 C  CG  . ASP A 1 67 ? 0.643   -5.663  -13.776 1.00 9.45  ? 704 ASP A CG  1 
ATOM   482 O  OD1 . ASP A 1 67 ? 0.684   -4.675  -14.573 1.00 12.24 ? 704 ASP A OD1 1 
ATOM   483 O  OD2 . ASP A 1 67 ? -0.058  -6.660  -13.981 1.00 18.31 ? 704 ASP A OD2 1 
ATOM   484 N  N   . MET A 1 68 ? -0.757  -4.642  -10.158 1.00 15.35 ? 705 MET A N   1 
ATOM   485 C  CA  . MET A 1 68 ? -2.135  -4.502  -9.638  1.00 12.76 ? 705 MET A CA  1 
ATOM   486 C  C   . MET A 1 68 ? -2.523  -2.982  -9.497  1.00 11.46 ? 705 MET A C   1 
ATOM   487 O  O   . MET A 1 68 ? -3.607  -2.563  -9.910  1.00 16.98 ? 705 MET A O   1 
ATOM   488 C  CB  . MET A 1 68 ? -2.257  -5.304  -8.323  1.00 16.48 ? 705 MET A CB  1 
ATOM   489 C  CG  . MET A 1 68 ? -3.651  -5.385  -7.804  1.00 25.34 ? 705 MET A CG  1 
ATOM   490 S  SD  . MET A 1 68 ? -3.694  -6.141  -6.152  1.00 22.78 ? 705 MET A SD  1 
ATOM   491 C  CE  . MET A 1 68 ? -3.213  -7.789  -6.479  1.00 21.30 ? 705 MET A CE  1 
ATOM   492 N  N   . LEU A 1 69 ? -1.618  -2.169  -8.944  1.00 8.93  ? 706 LEU A N   1 
ATOM   493 C  CA  . LEU A 1 69 ? -1.841  -0.729  -8.784  1.00 15.73 ? 706 LEU A CA  1 
ATOM   494 C  C   . LEU A 1 69 ? -1.854  -0.007  -10.131 1.00 13.66 ? 706 LEU A C   1 
ATOM   495 O  O   . LEU A 1 69 ? -2.705  0.838   -10.384 1.00 15.87 ? 706 LEU A O   1 
ATOM   496 C  CB  . LEU A 1 69 ? -0.802  -0.184  -7.799  1.00 13.50 ? 706 LEU A CB  1 
ATOM   497 C  CG  . LEU A 1 69 ? -0.884  -0.776  -6.375  1.00 15.23 ? 706 LEU A CG  1 
ATOM   498 C  CD1 . LEU A 1 69 ? 0.289   -0.277  -5.520  1.00 23.15 ? 706 LEU A CD1 1 
ATOM   499 C  CD2 . LEU A 1 69 ? -2.250  -0.475  -5.721  1.00 20.45 ? 706 LEU A CD2 1 
ATOM   500 N  N   . VAL A 1 70 ? -0.898  -0.354  -11.005 1.00 14.44 ? 707 VAL A N   1 
ATOM   501 C  CA  . VAL A 1 70 ? -0.843  0.223   -12.334 1.00 11.85 ? 707 VAL A CA  1 
ATOM   502 C  C   . VAL A 1 70 ? -2.124  0.030   -13.123 1.00 12.61 ? 707 VAL A C   1 
ATOM   503 O  O   . VAL A 1 70 ? -2.614  0.965   -13.739 1.00 12.49 ? 707 VAL A O   1 
ATOM   504 C  CB  . VAL A 1 70 ? 0.354   -0.358  -13.142 1.00 17.16 ? 707 VAL A CB  1 
ATOM   505 C  CG1 . VAL A 1 70 ? 0.314   0.125   -14.587 1.00 16.62 ? 707 VAL A CG1 1 
ATOM   506 C  CG2 . VAL A 1 70 ? 1.665   0.054   -12.501 1.00 12.79 ? 707 VAL A CG2 1 
ATOM   507 N  N   . GLU A 1 71 ? -2.684  -1.164  -13.078 1.00 15.41 ? 708 GLU A N   1 
ATOM   508 C  CA  . GLU A 1 71 ? -3.854  -1.527  -13.860 1.00 12.24 ? 708 GLU A CA  1 
ATOM   509 C  C   . GLU A 1 71 ? -5.171  -0.967  -13.264 1.00 17.01 ? 708 GLU A C   1 
ATOM   510 O  O   . GLU A 1 71 ? -6.221  -1.046  -13.887 1.00 16.42 ? 708 GLU A O   1 
ATOM   511 C  CB  . GLU A 1 71 ? -3.908  -3.050  -13.986 1.00 15.42 ? 708 GLU A CB  1 
ATOM   512 C  CG  . GLU A 1 71 ? -2.792  -3.627  -14.910 1.00 14.48 ? 708 GLU A CG  1 
ATOM   513 C  CD  . GLU A 1 71 ? -3.015  -5.058  -15.362 1.00 30.66 ? 708 GLU A CD  1 
ATOM   514 O  OE1 . GLU A 1 71 ? -4.061  -5.632  -15.035 1.00 22.66 ? 708 GLU A OE1 1 
ATOM   515 O  OE2 . GLU A 1 71 ? -2.139  -5.617  -16.063 1.00 14.57 ? 708 GLU A OE2 1 
ATOM   516 N  N   . SER A 1 72 ? -5.104  -0.446  -12.047 1.00 17.50 ? 709 SER A N   1 
ATOM   517 C  CA  . SER A 1 72 ? -6.294  0.067   -11.374 1.00 19.47 ? 709 SER A CA  1 
ATOM   518 C  C   . SER A 1 72 ? -6.683  1.322   -12.131 1.00 20.40 ? 709 SER A C   1 
ATOM   519 O  O   . SER A 1 72 ? -5.821  2.142   -12.438 1.00 20.80 ? 709 SER A O   1 
ATOM   520 C  CB  . SER A 1 72 ? -6.040  0.322   -9.879  1.00 22.61 ? 709 SER A CB  1 
ATOM   521 O  OG  . SER A 1 72 ? -7.282  0.574   -9.211  1.00 27.15 ? 709 SER A OG  1 
ATOM   522 N  N   . PRO A 1 73 ? -7.971  1.452   -12.459 1.00 18.41 ? 710 PRO A N   1 
ATOM   523 C  CA  . PRO A 1 73 ? -8.363  2.451   -13.429 1.00 23.87 ? 710 PRO A CA  1 
ATOM   524 C  C   . PRO A 1 73 ? -8.158  3.876   -12.945 1.00 26.11 ? 710 PRO A C   1 
ATOM   525 O  O   . PRO A 1 73 ? -8.122  4.137   -11.732 1.00 20.34 ? 710 PRO A O   1 
ATOM   526 C  CB  . PRO A 1 73 ? -9.849  2.164   -13.657 1.00 20.94 ? 710 PRO A CB  1 
ATOM   527 C  CG  . PRO A 1 73 ? -10.060 0.785   -13.209 1.00 23.23 ? 710 PRO A CG  1 
ATOM   528 C  CD  . PRO A 1 73 ? -9.111  0.598   -12.070 1.00 18.44 ? 710 PRO A CD  1 
ATOM   529 N  N   . LYS A 1 74 ? -8.037  4.779   -13.915 1.00 29.35 ? 711 LYS A N   1 
ATOM   530 C  CA  . LYS A 1 74 ? -7.894  6.206   -13.662 1.00 31.13 ? 711 LYS A CA  1 
ATOM   531 C  C   . LYS A 1 74 ? -9.084  6.714   -12.870 1.00 21.77 ? 711 LYS A C   1 
ATOM   532 O  O   . LYS A 1 74 ? -10.241 6.467   -13.235 1.00 19.87 ? 711 LYS A O   1 
ATOM   533 C  CB  . LYS A 1 74 ? -7.785  6.983   -14.987 1.00 30.34 ? 711 LYS A CB  1 
ATOM   534 N  N   . GLY A 1 75 ? -8.797  7.389   -11.762 1.00 18.20 ? 712 GLY A N   1 
ATOM   535 C  CA  . GLY A 1 75 ? -9.824  8.060   -10.992 1.00 14.98 ? 712 GLY A CA  1 
ATOM   536 C  C   . GLY A 1 75 ? -10.566 7.170   -10.004 1.00 15.49 ? 712 GLY A C   1 
ATOM   537 O  O   . GLY A 1 75 ? -11.393 7.662   -9.252  1.00 12.47 ? 712 GLY A O   1 
ATOM   538 N  N   . SER A 1 76 ? -10.252 5.874   -9.986  1.00 14.69 ? 713 SER A N   1 
ATOM   539 C  CA  . SER A 1 76 ? -10.870 4.946   -9.044  1.00 21.12 ? 713 SER A CA  1 
ATOM   540 C  C   . SER A 1 76 ? -10.092 4.888   -7.734  1.00 13.98 ? 713 SER A C   1 
ATOM   541 O  O   . SER A 1 76 ? -8.915  5.239   -7.673  1.00 12.73 ? 713 SER A O   1 
ATOM   542 C  CB  . SER A 1 76 ? -10.970 3.550   -9.663  1.00 22.94 ? 713 SER A CB  1 
ATOM   543 O  OG  . SER A 1 76 ? -12.056 3.504   -10.575 1.00 39.58 ? 713 SER A OG  1 
ATOM   544 N  N   . GLU A 1 77 ? -10.774 4.462   -6.690  1.00 15.78 ? 714 GLU A N   1 
ATOM   545 C  CA  . GLU A 1 77 ? -10.138 4.273   -5.400  1.00 16.13 ? 714 GLU A CA  1 
ATOM   546 C  C   . GLU A 1 77 ? -9.677  2.846   -5.235  1.00 16.29 ? 714 GLU A C   1 
ATOM   547 O  O   . GLU A 1 77 ? -10.315 1.923   -5.712  1.00 15.40 ? 714 GLU A O   1 
ATOM   548 C  CB  . GLU A 1 77 ? -11.128 4.645   -4.303  1.00 20.54 ? 714 GLU A CB  1 
ATOM   549 C  CG  . GLU A 1 77 ? -10.908 4.032   -2.972  1.00 20.10 ? 714 GLU A CG  1 
ATOM   550 C  CD  . GLU A 1 77 ? -12.032 4.401   -2.025  1.00 8.08  ? 714 GLU A CD  1 
ATOM   551 O  OE1 . GLU A 1 77 ? -12.819 3.494   -1.645  1.00 25.93 ? 714 GLU A OE1 1 
ATOM   552 O  OE2 . GLU A 1 77 ? -12.178 5.639   -1.787  1.00 16.09 ? 714 GLU A OE2 1 
ATOM   553 N  N   . VAL A 1 78 ? -8.597  2.706   -4.480  1.00 9.13  ? 715 VAL A N   1 
ATOM   554 C  CA  . VAL A 1 78 ? -8.107  1.468   -3.955  1.00 15.35 ? 715 VAL A CA  1 
ATOM   555 C  C   . VAL A 1 78 ? -8.215  1.578   -2.420  1.00 14.14 ? 715 VAL A C   1 
ATOM   556 O  O   . VAL A 1 78 ? -8.109  2.662   -1.849  1.00 13.08 ? 715 VAL A O   1 
ATOM   557 C  CB  . VAL A 1 78 ? -6.652  1.233   -4.468  1.00 22.53 ? 715 VAL A CB  1 
ATOM   558 C  CG1 . VAL A 1 78 ? -5.608  1.961   -3.625  1.00 17.76 ? 715 VAL A CG1 1 
ATOM   559 C  CG2 . VAL A 1 78 ? -6.316  -0.220  -4.531  1.00 20.45 ? 715 VAL A CG2 1 
ATOM   560 N  N   . THR A 1 79 ? -8.506  0.463   -1.768  1.00 11.84 ? 716 THR A N   1 
ATOM   561 C  CA  . THR A 1 79 ? -8.330  0.350   -0.305  1.00 8.38  ? 716 THR A CA  1 
ATOM   562 C  C   . THR A 1 79 ? -7.160  -0.561  -0.031  1.00 7.79  ? 716 THR A C   1 
ATOM   563 O  O   . THR A 1 79 ? -6.928  -1.532  -0.731  1.00 13.33 ? 716 THR A O   1 
ATOM   564 C  CB  . THR A 1 79 ? -9.588  -0.092  0.474   1.00 6.99  ? 716 THR A CB  1 
ATOM   565 O  OG1 . THR A 1 79 ? -9.899  -1.463  0.240   1.00 16.83 ? 716 THR A OG1 1 
ATOM   566 C  CG2 . THR A 1 79 ? -10.712 0.832   0.073   1.00 8.32  ? 716 THR A CG2 1 
ATOM   567 N  N   . LEU A 1 80 ? -6.399  -0.180  0.985   1.00 13.01 ? 717 LEU A N   1 
ATOM   568 C  CA  . LEU A 1 80 ? -5.301  -0.946  1.471   1.00 10.42 ? 717 LEU A CA  1 
ATOM   569 C  C   . LEU A 1 80 ? -5.535  -1.244  2.948   1.00 10.13 ? 717 LEU A C   1 
ATOM   570 O  O   . LEU A 1 80 ? -5.855  -0.354  3.714   1.00 15.67 ? 717 LEU A O   1 
ATOM   571 C  CB  . LEU A 1 80 ? -3.969  -0.183  1.361   1.00 18.27 ? 717 LEU A CB  1 
ATOM   572 C  CG  . LEU A 1 80 ? -3.551  0.459   0.052   1.00 18.04 ? 717 LEU A CG  1 
ATOM   573 C  CD1 . LEU A 1 80 ? -2.184  1.149   0.175   1.00 15.75 ? 717 LEU A CD1 1 
ATOM   574 C  CD2 . LEU A 1 80 ? -3.538  -0.591  -1.014  1.00 15.15 ? 717 LEU A CD2 1 
ATOM   575 N  N   . LEU A 1 81 ? -5.301  -2.491  3.341   1.00 7.93  ? 718 LEU A N   1 
ATOM   576 C  CA  . LEU A 1 81 ? -5.169  -2.808  4.790   1.00 8.19  ? 718 LEU A CA  1 
ATOM   577 C  C   . LEU A 1 81 ? -3.658  -2.824  5.031   1.00 10.22 ? 718 LEU A C   1 
ATOM   578 O  O   . LEU A 1 81 ? -2.916  -3.550  4.382   1.00 9.29  ? 718 LEU A O   1 
ATOM   579 C  CB  . LEU A 1 81 ? -5.742  -4.180  5.217   1.00 11.19 ? 718 LEU A CB  1 
ATOM   580 C  CG  . LEU A 1 81 ? -5.698  -4.487  6.737   1.00 8.12  ? 718 LEU A CG  1 
ATOM   581 C  CD1 . LEU A 1 81 ? -6.744  -3.654  7.486   1.00 19.63 ? 718 LEU A CD1 1 
ATOM   582 C  CD2 . LEU A 1 81 ? -5.777  -6.039  6.957   1.00 7.97  ? 718 LEU A CD2 1 
ATOM   583 N  N   . VAL A 1 82 ? -3.191  -2.056  5.979   1.00 7.74  ? 719 VAL A N   1 
ATOM   584 C  CA  . VAL A 1 82 ? -1.740  -2.028  6.303   1.00 8.96  ? 719 VAL A CA  1 
ATOM   585 C  C   . VAL A 1 82 ? -1.483  -2.417  7.739   1.00 8.83  ? 719 VAL A C   1 
ATOM   586 O  O   . VAL A 1 82 ? -2.347  -2.238  8.577   1.00 10.16 ? 719 VAL A O   1 
ATOM   587 C  CB  . VAL A 1 82 ? -1.138  -0.607  6.061   1.00 7.05  ? 719 VAL A CB  1 
ATOM   588 C  CG1 . VAL A 1 82 ? -1.229  -0.268  4.559   1.00 8.26  ? 719 VAL A CG1 1 
ATOM   589 C  CG2 . VAL A 1 82 ? -1.764  0.477   6.941   1.00 20.11 ? 719 VAL A CG2 1 
ATOM   590 N  N   . GLN A 1 83 ? -0.319  -3.012  8.015   1.00 14.59 ? 720 GLN A N   1 
ATOM   591 C  CA  . GLN A 1 83 ? 0.106   -3.194  9.396   1.00 8.78  ? 720 GLN A CA  1 
ATOM   592 C  C   . GLN A 1 83 ? 1.139   -2.084  9.714   1.00 13.09 ? 720 GLN A C   1 
ATOM   593 O  O   . GLN A 1 83 ? 2.129   -1.928  8.982   1.00 10.37 ? 720 GLN A O   1 
ATOM   594 C  CB  . GLN A 1 83 ? 0.669   -4.598  9.598   1.00 9.09  ? 720 GLN A CB  1 
ATOM   595 C  CG  . GLN A 1 83 ? 0.995   -4.822  10.951  1.00 9.31  ? 720 GLN A CG  1 
ATOM   596 C  CD  . GLN A 1 83 ? 1.622   -6.222  11.112  1.00 9.62  ? 720 GLN A CD  1 
ATOM   597 O  OE1 . GLN A 1 83 ? 2.756   -6.441  10.678  1.00 21.08 ? 720 GLN A OE1 1 
ATOM   598 N  NE2 . GLN A 1 83 ? 0.943   -7.090  11.825  1.00 26.01 ? 720 GLN A NE2 1 
ATOM   599 N  N   . ARG A 1 84 ? 0.885   -1.334  10.786  1.00 13.04 ? 721 ARG A N   1 
ATOM   600 C  CA  . ARG A 1 84 ? 1.676   -0.176  11.152  1.00 9.36  ? 721 ARG A CA  1 
ATOM   601 C  C   . ARG A 1 84 ? 2.087   -0.258  12.613  1.00 15.00 ? 721 ARG A C   1 
ATOM   602 O  O   . ARG A 1 84 ? 1.278   -0.564  13.489  1.00 13.08 ? 721 ARG A O   1 
ATOM   603 C  CB  . ARG A 1 84 ? 0.875   1.118   10.942  1.00 15.11 ? 721 ARG A CB  1 
ATOM   604 C  CG  . ARG A 1 84 ? 1.584   2.406   11.344  1.00 18.45 ? 721 ARG A CG  1 
ATOM   605 C  CD  . ARG A 1 84 ? 0.748   3.658   11.065  1.00 13.67 ? 721 ARG A CD  1 
ATOM   606 N  NE  . ARG A 1 84 ? 0.302   3.727   9.682   1.00 13.99 ? 721 ARG A NE  1 
ATOM   607 C  CZ  . ARG A 1 84 ? -0.621  4.557   9.227   1.00 20.46 ? 721 ARG A CZ  1 
ATOM   608 N  NH1 . ARG A 1 84 ? -1.254  5.385   10.045  1.00 20.16 ? 721 ARG A NH1 1 
ATOM   609 N  NH2 . ARG A 1 84 ? -0.944  4.518   7.954   1.00 22.82 ? 721 ARG A NH2 1 
ATOM   610 N  N   . GLN A 1 85 ? 3.354   0.020   12.856  1.00 11.40 ? 722 GLN A N   1 
ATOM   611 C  CA  . GLN A 1 85 ? 3.861   0.154   14.198  1.00 17.49 ? 722 GLN A CA  1 
ATOM   612 C  C   . GLN A 1 85 ? 3.417   1.540   14.682  1.00 22.29 ? 722 GLN A C   1 
ATOM   613 O  O   . GLN A 1 85 ? 3.857   2.558   14.152  1.00 28.24 ? 722 GLN A O   1 
ATOM   614 C  CB  . GLN A 1 85 ? 5.381   0.007   14.192  1.00 24.79 ? 722 GLN A CB  1 
ATOM   615 C  CG  . GLN A 1 85 ? 6.047   0.264   15.530  1.00 23.62 ? 722 GLN A CG  1 
ATOM   616 C  CD  . GLN A 1 85 ? 5.548   -0.656  16.594  1.00 33.09 ? 722 GLN A CD  1 
ATOM   617 O  OE1 . GLN A 1 85 ? 4.631   -0.306  17.332  1.00 21.85 ? 722 GLN A OE1 1 
ATOM   618 N  NE2 . GLN A 1 85 ? 6.133   -1.856  16.677  1.00 26.74 ? 722 GLN A NE2 1 
ATOM   619 N  N   . THR A 1 86 ? 2.489   1.575   15.633  1.00 23.32 ? 723 THR A N   1 
ATOM   620 C  CA  . THR A 1 86 ? 1.935   2.852   16.106  1.00 30.86 ? 723 THR A CA  1 
ATOM   621 C  C   . THR A 1 86 ? 2.645   3.391   17.363  1.00 27.57 ? 723 THR A C   1 
ATOM   622 O  O   . THR A 1 86 ? 2.334   4.498   17.804  1.00 30.39 ? 723 THR A O   1 
ATOM   623 C  CB  . THR A 1 86 ? 0.408   2.764   16.357  1.00 28.42 ? 723 THR A CB  1 
ATOM   624 O  OG1 . THR A 1 86 ? 0.148   1.838   17.419  1.00 43.76 ? 723 THR A OG1 1 
ATOM   625 C  CG2 . THR A 1 86 ? -0.321  2.328   15.086  1.00 33.56 ? 723 THR A CG2 1 
ATOM   626 N  N   . ARG A 1 87 ? 3.591   2.630   17.919  1.00 25.63 ? 724 ARG A N   1 
ATOM   627 C  CA  . ARG A 1 87 ? 4.455   3.122   19.003  1.00 28.77 ? 724 ARG A CA  1 
ATOM   628 C  C   . ARG A 1 87 ? 5.147   4.428   18.592  1.00 31.54 ? 724 ARG A C   1 
ATOM   629 O  O   . ARG A 1 87 ? 5.873   4.451   17.593  1.00 29.39 ? 724 ARG A O   1 
ATOM   630 C  CB  . ARG A 1 87 ? 5.517   2.076   19.369  1.00 31.60 ? 724 ARG A CB  1 
ATOM   631 N  N   . LEU A 1 88 ? 4.932   5.503   19.365  1.00 29.13 ? 725 LEU A N   1 
ATOM   632 C  CA  . LEU A 1 88 ? 5.444   6.832   19.006  1.00 28.64 ? 725 LEU A CA  1 
ATOM   633 C  C   . LEU A 1 88 ? 6.944   6.972   19.283  1.00 30.39 ? 725 LEU A C   1 
ATOM   634 O  O   . LEU A 1 88 ? 7.595   6.108   19.891  1.00 24.40 ? 725 LEU A O   1 
ATOM   635 C  CB  . LEU A 1 88 ? 4.673   7.943   19.742  1.00 25.50 ? 725 LEU A CB  1 
ATOM   636 O  OXT . LEU A 1 88 ? 7.550   7.978   18.896  1.00 35.90 ? 725 LEU A OXT 1 
HETATM 637 ZN ZN  . ZN  B 2 .  ? 9.161   -1.585  -8.711  1.00 22.64 ? 901 ZN  A ZN  1 
HETATM 638 ZN ZN  . ZN  C 2 .  ? -13.122 5.310   0.155   0.50 26.24 ? 902 ZN  A ZN  1 
HETATM 639 O  O   . HOH D 3 .  ? -7.951  -3.093  -12.420 1.00 41.98 ? 1   HOH A O   1 
HETATM 640 O  O   . HOH D 3 .  ? -4.631  -3.950  17.044  1.00 49.81 ? 2   HOH A O   1 
HETATM 641 O  O   . HOH D 3 .  ? 4.406   2.911   9.035   1.00 26.29 ? 3   HOH A O   1 
HETATM 642 O  O   . HOH D 3 .  ? -0.787  -13.776 4.884   1.00 39.94 ? 4   HOH A O   1 
HETATM 643 O  O   . HOH D 3 .  ? 8.941   -9.453  -4.279  1.00 28.67 ? 5   HOH A O   1 
HETATM 644 O  O   . HOH D 3 .  ? -4.658  -6.194  -12.306 1.00 36.64 ? 6   HOH A O   1 
HETATM 645 O  O   . HOH D 3 .  ? -0.729  -8.640  -10.147 1.00 25.10 ? 7   HOH A O   1 
HETATM 646 O  O   . HOH D 3 .  ? -14.305 -0.858  1.549   1.00 35.03 ? 8   HOH A O   1 
HETATM 647 O  O   . HOH D 3 .  ? 6.084   -9.043  -1.532  1.00 29.79 ? 9   HOH A O   1 
HETATM 648 O  O   A HOH D 3 .  ? 2.917   -8.198  -1.032  0.50 18.15 ? 10  HOH A O   1 
HETATM 649 O  O   B HOH D 3 .  ? 2.054   -6.693  0.045   0.50 13.18 ? 10  HOH A O   1 
HETATM 650 O  O   . HOH D 3 .  ? -6.883  10.041  -1.857  1.00 32.44 ? 12  HOH A O   1 
HETATM 651 O  O   . HOH D 3 .  ? -8.176  -3.403  1.569   1.00 20.41 ? 13  HOH A O   1 
HETATM 652 O  O   . HOH D 3 .  ? 4.811   -4.816  -12.512 0.50 30.03 ? 15  HOH A O   1 
HETATM 653 O  O   . HOH D 3 .  ? -6.540  -7.351  -4.441  1.00 29.83 ? 17  HOH A O   1 
HETATM 654 O  O   . HOH D 3 .  ? 10.238  0.498   4.500   1.00 43.46 ? 18  HOH A O   1 
HETATM 655 O  O   . HOH D 3 .  ? -13.345 -4.761  -1.714  1.00 32.73 ? 19  HOH A O   1 
HETATM 656 O  O   . HOH D 3 .  ? 10.411  1.103   -5.299  1.00 42.83 ? 20  HOH A O   1 
HETATM 657 O  O   . HOH D 3 .  ? 8.954   -8.874  -8.070  1.00 25.07 ? 21  HOH A O   1 
HETATM 658 O  O   . HOH D 3 .  ? 7.347   -8.955  6.963   1.00 32.44 ? 22  HOH A O   1 
HETATM 659 O  O   . HOH D 3 .  ? -8.111  -1.731  -8.068  1.00 38.06 ? 24  HOH A O   1 
HETATM 660 O  O   . HOH D 3 .  ? -12.485 -2.326  -0.355  1.00 30.93 ? 25  HOH A O   1 
HETATM 661 O  O   . HOH D 3 .  ? 8.516   -11.283 -8.983  1.00 34.33 ? 26  HOH A O   1 
HETATM 662 O  O   . HOH D 3 .  ? -7.732  3.188   -9.211  1.00 42.33 ? 27  HOH A O   1 
HETATM 663 O  O   . HOH D 3 .  ? -9.270  -4.074  4.276   1.00 35.25 ? 28  HOH A O   1 
HETATM 664 O  O   . HOH D 3 .  ? 7.133   -11.147 -0.208  1.00 53.41 ? 29  HOH A O   1 
HETATM 665 O  O   . HOH D 3 .  ? 5.404   8.726   6.026   1.00 37.81 ? 31  HOH A O   1 
HETATM 666 O  O   . HOH D 3 .  ? 2.345   9.469   -13.185 1.00 48.78 ? 33  HOH A O   1 
HETATM 667 O  O   . HOH D 3 .  ? -0.131  3.920   -12.806 1.00 37.25 ? 34  HOH A O   1 
HETATM 668 O  O   . HOH D 3 .  ? -13.517 1.922   -11.587 1.00 44.48 ? 35  HOH A O   1 
HETATM 669 O  O   . HOH D 3 .  ? -7.801  4.292   -16.679 1.00 44.41 ? 37  HOH A O   1 
HETATM 670 O  O   . HOH D 3 .  ? 0.690   10.159  3.462   1.00 41.62 ? 38  HOH A O   1 
HETATM 671 O  O   . HOH D 3 .  ? 11.101  -7.669  -7.889  1.00 40.63 ? 40  HOH A O   1 
HETATM 672 O  O   . HOH D 3 .  ? -7.820  -5.721  -6.559  1.00 42.05 ? 41  HOH A O   1 
HETATM 673 O  O   . HOH D 3 .  ? 0.369   5.482   -8.321  1.00 48.12 ? 42  HOH A O   1 
HETATM 674 O  O   . HOH D 3 .  ? -11.850 5.108   -15.304 1.00 47.47 ? 43  HOH A O   1 
HETATM 675 O  O   . HOH D 3 .  ? 6.840   6.249   9.053   1.00 39.98 ? 44  HOH A O   1 
HETATM 676 O  O   . HOH D 3 .  ? -7.428  15.248  -8.744  1.00 53.66 ? 46  HOH A O   1 
HETATM 677 O  O   . HOH D 3 .  ? 5.570   1.599   -6.561  1.00 39.00 ? 47  HOH A O   1 
HETATM 678 O  O   . HOH D 3 .  ? -2.321  -7.219  -12.111 1.00 39.17 ? 48  HOH A O   1 
HETATM 679 O  O   . HOH D 3 .  ? -5.694  -4.149  -10.733 1.00 27.20 ? 49  HOH A O   1 
HETATM 680 O  O   . HOH D 3 .  ? -8.507  6.698   4.275   1.00 27.75 ? 50  HOH A O   1 
HETATM 681 O  O   . HOH D 3 .  ? 12.151  -7.213  -5.424  1.00 45.49 ? 51  HOH A O   1 
HETATM 682 O  O   . HOH D 3 .  ? -6.534  5.982   7.215   1.00 45.92 ? 53  HOH A O   1 
HETATM 683 O  O   . HOH D 3 .  ? 11.577  -9.023  9.799   1.00 42.46 ? 54  HOH A O   1 
HETATM 684 O  O   . HOH D 3 .  ? 2.636   -10.905 8.292   1.00 34.01 ? 55  HOH A O   1 
HETATM 685 O  O   . HOH D 3 .  ? 14.017  -8.926  -1.051  1.00 57.82 ? 56  HOH A O   1 
HETATM 686 O  O   . HOH D 3 .  ? 0.344   -15.592 -7.891  1.00 35.89 ? 57  HOH A O   1 
HETATM 687 O  O   . HOH D 3 .  ? 8.151   -10.999 -11.761 1.00 36.58 ? 58  HOH A O   1 
HETATM 688 O  O   . HOH D 3 .  ? -14.027 4.179   -6.887  1.00 45.41 ? 59  HOH A O   1 
HETATM 689 O  O   . HOH D 3 .  ? 8.251   13.136  -0.116  1.00 51.73 ? 60  HOH A O   1 
HETATM 690 O  O   A HOH D 3 .  ? 12.027  -4.900  -3.419  0.50 20.21 ? 62  HOH A O   1 
HETATM 691 O  O   B HOH D 3 .  ? 11.672  -3.057  -4.204  0.50 22.55 ? 62  HOH A O   1 
HETATM 692 O  O   . HOH D 3 .  ? -16.059 -2.221  2.961   1.00 47.11 ? 66  HOH A O   1 
HETATM 693 O  O   . HOH D 3 .  ? 5.181   0.419   10.771  1.00 29.79 ? 67  HOH A O   1 
HETATM 694 O  O   . HOH D 3 .  ? -2.190  -13.247 -2.879  1.00 41.59 ? 68  HOH A O   1 
HETATM 695 O  O   . HOH D 3 .  ? 7.801   -5.369  11.664  1.00 45.33 ? 69  HOH A O   1 
HETATM 696 O  O   . HOH D 3 .  ? -1.510  -13.312 -0.605  1.00 27.63 ? 70  HOH A O   1 
HETATM 697 O  O   . HOH D 3 .  ? -0.818  -15.215 2.087   1.00 42.07 ? 71  HOH A O   1 
HETATM 698 O  O   . HOH D 3 .  ? -0.406  -3.255  -17.010 1.00 18.77 ? 73  HOH A O   1 
HETATM 699 O  O   . HOH D 3 .  ? 4.637   -2.635  9.958   1.00 29.85 ? 74  HOH A O   1 
HETATM 700 O  O   . HOH D 3 .  ? 10.184  -7.057  8.696   1.00 43.33 ? 76  HOH A O   1 
HETATM 701 O  O   . HOH D 3 .  ? -10.386 4.034   -17.401 1.00 37.55 ? 77  HOH A O   1 
HETATM 702 O  O   . HOH D 3 .  ? 11.787  -0.820  -4.858  1.00 49.18 ? 78  HOH A O   1 
HETATM 703 O  O   . HOH D 3 .  ? 12.304  -3.631  -8.611  1.00 39.61 ? 79  HOH A O   1 
HETATM 704 O  O   . HOH D 3 .  ? 0.209   3.381   -10.247 1.00 44.79 ? 81  HOH A O   1 
HETATM 705 O  O   . HOH D 3 .  ? -9.025  1.444   9.694   1.00 40.50 ? 82  HOH A O   1 
HETATM 706 O  O   . HOH D 3 .  ? 0.420   -10.919 -11.569 1.00 44.51 ? 83  HOH A O   1 
HETATM 707 O  O   . HOH D 3 .  ? 3.562   -14.563 -5.781  1.00 34.04 ? 84  HOH A O   1 
HETATM 708 O  O   . HOH D 3 .  ? 1.927   7.770   -7.587  1.00 53.10 ? 85  HOH A O   1 
HETATM 709 O  O   . HOH D 3 .  ? -5.154  -4.352  14.706  1.00 38.97 ? 86  HOH A O   1 
HETATM 710 O  O   . HOH D 3 .  ? -6.055  -9.686  -5.179  1.00 43.38 ? 87  HOH A O   1 
HETATM 711 O  O   . HOH D 3 .  ? 11.521  -5.865  -9.720  1.00 50.20 ? 89  HOH A O   1 
HETATM 712 O  O   . HOH D 3 .  ? 0.008   -7.762  13.390  1.00 35.04 ? 90  HOH A O   1 
# 
loop_
_pdbx_poly_seq_scheme.asym_id 
_pdbx_poly_seq_scheme.entity_id 
_pdbx_poly_seq_scheme.seq_id 
_pdbx_poly_seq_scheme.mon_id 
_pdbx_poly_seq_scheme.ndb_seq_num 
_pdbx_poly_seq_scheme.pdb_seq_num 
_pdbx_poly_seq_scheme.auth_seq_num 
_pdbx_poly_seq_scheme.pdb_mon_id 
_pdbx_poly_seq_scheme.auth_mon_id 
_pdbx_poly_seq_scheme.pdb_strand_id 
_pdbx_poly_seq_scheme.pdb_ins_code 
_pdbx_poly_seq_scheme.hetero 
A 1 1  SER 1  638 638 SER SER A . n 
A 1 2  MET 2  639 639 MET MET A . n 
A 1 3  GLU 3  640 640 GLU GLU A . n 
A 1 4  LEU 4  641 641 LEU LEU A . n 
A 1 5  ILE 5  642 642 ILE ILE A . n 
A 1 6  THR 6  643 643 THR THR A . n 
A 1 7  VAL 7  644 644 VAL VAL A . n 
A 1 8  HIS 8  645 645 HIS HIS A . n 
A 1 9  ILE 9  646 646 ILE ILE A . n 
A 1 10 VAL 10 647 647 VAL VAL A . n 
A 1 11 LYS 11 648 648 LYS LYS A . n 
A 1 12 GLY 12 649 649 GLY GLY A . n 
A 1 13 PRO 13 650 650 PRO PRO A . n 
A 1 14 MET 14 651 651 MET MET A . n 
A 1 15 GLY 15 652 652 GLY GLY A . n 
A 1 16 PHE 16 653 653 PHE PHE A . n 
A 1 17 GLY 17 654 654 GLY GLY A . n 
A 1 18 PHE 18 655 655 PHE PHE A . n 
A 1 19 THR 19 656 656 THR THR A . n 
A 1 20 ILE 20 657 657 ILE ILE A . n 
A 1 21 ALA 21 658 658 ALA ALA A . n 
A 1 22 ASP 22 659 659 ASP ASP A . n 
A 1 23 SER 23 660 660 SER SER A . n 
A 1 24 PRO 24 661 661 PRO PRO A . n 
A 1 25 GLY 25 662 662 GLY GLY A . n 
A 1 26 GLY 26 663 663 GLY GLY A . n 
A 1 27 GLY 27 664 664 GLY GLY A . n 
A 1 28 GLY 28 665 665 GLY GLY A . n 
A 1 29 GLN 29 666 666 GLN GLN A . n 
A 1 30 ARG 30 667 667 ARG ARG A . n 
A 1 31 VAL 31 668 668 VAL VAL A . n 
A 1 32 LYS 32 669 669 LYS LYS A . n 
A 1 33 GLN 33 670 670 GLN GLN A . n 
A 1 34 ILE 34 671 671 ILE ILE A . n 
A 1 35 VAL 35 672 672 VAL VAL A . n 
A 1 36 ASP 36 673 673 ASP ASP A . n 
A 1 37 SER 37 674 ?   ?   ?   A . n 
A 1 38 PRO 38 675 ?   ?   ?   A . n 
A 1 39 ARG 39 676 676 ARG ARG A . n 
A 1 40 SER 40 677 677 SER SER A . n 
A 1 41 ARG 41 678 678 ARG ARG A . n 
A 1 42 GLY 42 679 679 GLY GLY A . n 
A 1 43 LEU 43 680 680 LEU LEU A . n 
A 1 44 LYS 44 681 681 LYS LYS A . n 
A 1 45 GLU 45 682 682 GLU GLU A . n 
A 1 46 GLY 46 683 683 GLY GLY A . n 
A 1 47 ASP 47 684 684 ASP ASP A . n 
A 1 48 LEU 48 685 685 LEU LEU A . n 
A 1 49 ILE 49 686 686 ILE ILE A . n 
A 1 50 VAL 50 687 687 VAL VAL A . n 
A 1 51 GLU 51 688 688 GLU GLU A . n 
A 1 52 VAL 52 689 689 VAL VAL A . n 
A 1 53 ASN 53 690 690 ASN ASN A . n 
A 1 54 LYS 54 691 691 LYS LYS A . n 
A 1 55 LYS 55 692 692 LYS LYS A . n 
A 1 56 ASN 56 693 693 ASN ASN A . n 
A 1 57 VAL 57 694 694 VAL VAL A . n 
A 1 58 GLN 58 695 695 GLN GLN A . n 
A 1 59 ALA 59 696 696 ALA ALA A . n 
A 1 60 LEU 60 697 697 LEU LEU A . n 
A 1 61 THR 61 698 698 THR THR A . n 
A 1 62 HIS 62 699 699 HIS HIS A . n 
A 1 63 ASN 63 700 700 ASN ASN A . n 
A 1 64 GLN 64 701 701 GLN GLN A . n 
A 1 65 VAL 65 702 702 VAL VAL A . n 
A 1 66 VAL 66 703 703 VAL VAL A . n 
A 1 67 ASP 67 704 704 ASP ASP A . n 
A 1 68 MET 68 705 705 MET MET A . n 
A 1 69 LEU 69 706 706 LEU LEU A . n 
A 1 70 VAL 70 707 707 VAL VAL A . n 
A 1 71 GLU 71 708 708 GLU GLU A . n 
A 1 72 SER 72 709 709 SER SER A . n 
A 1 73 PRO 73 710 710 PRO PRO A . n 
A 1 74 LYS 74 711 711 LYS LYS A . n 
A 1 75 GLY 75 712 712 GLY GLY A . n 
A 1 76 SER 76 713 713 SER SER A . n 
A 1 77 GLU 77 714 714 GLU GLU A . n 
A 1 78 VAL 78 715 715 VAL VAL A . n 
A 1 79 THR 79 716 716 THR THR A . n 
A 1 80 LEU 80 717 717 LEU LEU A . n 
A 1 81 LEU 81 718 718 LEU LEU A . n 
A 1 82 VAL 82 719 719 VAL VAL A . n 
A 1 83 GLN 83 720 720 GLN GLN A . n 
A 1 84 ARG 84 721 721 ARG ARG A . n 
A 1 85 GLN 85 722 722 GLN GLN A . n 
A 1 86 THR 86 723 723 THR THR A . n 
A 1 87 ARG 87 724 724 ARG ARG A . n 
A 1 88 LEU 88 725 725 LEU LEU A . n 
# 
_pdbx_SG_project.id                    1 
_pdbx_SG_project.project_name          ? 
_pdbx_SG_project.full_name_of_center   'Structural Genomics Consortium' 
_pdbx_SG_project.initial_of_center     SGC 
# 
loop_
_pdbx_nonpoly_scheme.asym_id 
_pdbx_nonpoly_scheme.entity_id 
_pdbx_nonpoly_scheme.mon_id 
_pdbx_nonpoly_scheme.ndb_seq_num 
_pdbx_nonpoly_scheme.pdb_seq_num 
_pdbx_nonpoly_scheme.auth_seq_num 
_pdbx_nonpoly_scheme.pdb_mon_id 
_pdbx_nonpoly_scheme.auth_mon_id 
_pdbx_nonpoly_scheme.pdb_strand_id 
_pdbx_nonpoly_scheme.pdb_ins_code 
B 2 ZN  1  901 901 ZN  ZN  A . 
C 2 ZN  1  902 902 ZN  ZN  A . 
D 3 HOH 1  1   1   HOH HOH A . 
D 3 HOH 2  2   2   HOH HOH A . 
D 3 HOH 3  3   3   HOH HOH A . 
D 3 HOH 4  4   4   HOH HOH A . 
D 3 HOH 5  5   5   HOH HOH A . 
D 3 HOH 6  6   6   HOH HOH A . 
D 3 HOH 7  7   7   HOH HOH A . 
D 3 HOH 8  8   8   HOH HOH A . 
D 3 HOH 9  9   9   HOH HOH A . 
D 3 HOH 10 10  10  HOH HOH A . 
D 3 HOH 11 12  12  HOH HOH A . 
D 3 HOH 12 13  13  HOH HOH A . 
D 3 HOH 13 15  15  HOH HOH A . 
D 3 HOH 14 17  17  HOH HOH A . 
D 3 HOH 15 18  18  HOH HOH A . 
D 3 HOH 16 19  19  HOH HOH A . 
D 3 HOH 17 20  20  HOH HOH A . 
D 3 HOH 18 21  21  HOH HOH A . 
D 3 HOH 19 22  22  HOH HOH A . 
D 3 HOH 20 24  24  HOH HOH A . 
D 3 HOH 21 25  25  HOH HOH A . 
D 3 HOH 22 26  26  HOH HOH A . 
D 3 HOH 23 27  27  HOH HOH A . 
D 3 HOH 24 28  28  HOH HOH A . 
D 3 HOH 25 29  29  HOH HOH A . 
D 3 HOH 26 31  31  HOH HOH A . 
D 3 HOH 27 33  33  HOH HOH A . 
D 3 HOH 28 34  34  HOH HOH A . 
D 3 HOH 29 35  35  HOH HOH A . 
D 3 HOH 30 37  37  HOH HOH A . 
D 3 HOH 31 38  38  HOH HOH A . 
D 3 HOH 32 40  40  HOH HOH A . 
D 3 HOH 33 41  41  HOH HOH A . 
D 3 HOH 34 42  42  HOH HOH A . 
D 3 HOH 35 43  43  HOH HOH A . 
D 3 HOH 36 44  44  HOH HOH A . 
D 3 HOH 37 46  46  HOH HOH A . 
D 3 HOH 38 47  47  HOH HOH A . 
D 3 HOH 39 48  48  HOH HOH A . 
D 3 HOH 40 49  49  HOH HOH A . 
D 3 HOH 41 50  50  HOH HOH A . 
D 3 HOH 42 51  51  HOH HOH A . 
D 3 HOH 43 53  53  HOH HOH A . 
D 3 HOH 44 54  54  HOH HOH A . 
D 3 HOH 45 55  55  HOH HOH A . 
D 3 HOH 46 56  56  HOH HOH A . 
D 3 HOH 47 57  57  HOH HOH A . 
D 3 HOH 48 58  58  HOH HOH A . 
D 3 HOH 49 59  59  HOH HOH A . 
D 3 HOH 50 60  60  HOH HOH A . 
D 3 HOH 51 62  62  HOH HOH A . 
D 3 HOH 52 66  66  HOH HOH A . 
D 3 HOH 53 67  67  HOH HOH A . 
D 3 HOH 54 68  68  HOH HOH A . 
D 3 HOH 55 69  69  HOH HOH A . 
D 3 HOH 56 70  70  HOH HOH A . 
D 3 HOH 57 71  71  HOH HOH A . 
D 3 HOH 58 73  73  HOH HOH A . 
D 3 HOH 59 74  74  HOH HOH A . 
D 3 HOH 60 76  76  HOH HOH A . 
D 3 HOH 61 77  77  HOH HOH A . 
D 3 HOH 62 78  78  HOH HOH A . 
D 3 HOH 63 79  79  HOH HOH A . 
D 3 HOH 64 81  81  HOH HOH A . 
D 3 HOH 65 82  82  HOH HOH A . 
D 3 HOH 66 83  83  HOH HOH A . 
D 3 HOH 67 84  84  HOH HOH A . 
D 3 HOH 68 85  85  HOH HOH A . 
D 3 HOH 69 86  86  HOH HOH A . 
D 3 HOH 70 87  87  HOH HOH A . 
D 3 HOH 71 89  89  HOH HOH A . 
D 3 HOH 72 90  90  HOH HOH A . 
# 
_pdbx_struct_assembly.id                   1 
_pdbx_struct_assembly.details              author_and_software_defined_assembly 
_pdbx_struct_assembly.method_details       PISA 
_pdbx_struct_assembly.oligomeric_details   monomeric 
_pdbx_struct_assembly.oligomeric_count     1 
# 
_pdbx_struct_assembly_gen.assembly_id       1 
_pdbx_struct_assembly_gen.oper_expression   1 
_pdbx_struct_assembly_gen.asym_id_list      A,B,C,D 
# 
_pdbx_struct_oper_list.id                   1 
_pdbx_struct_oper_list.type                 'identity operation' 
_pdbx_struct_oper_list.name                 1_555 
_pdbx_struct_oper_list.symmetry_operation   x,y,z 
_pdbx_struct_oper_list.matrix[1][1]         1.0000000000 
_pdbx_struct_oper_list.matrix[1][2]         0.0000000000 
_pdbx_struct_oper_list.matrix[1][3]         0.0000000000 
_pdbx_struct_oper_list.vector[1]            0.0000000000 
_pdbx_struct_oper_list.matrix[2][1]         0.0000000000 
_pdbx_struct_oper_list.matrix[2][2]         1.0000000000 
_pdbx_struct_oper_list.matrix[2][3]         0.0000000000 
_pdbx_struct_oper_list.vector[2]            0.0000000000 
_pdbx_struct_oper_list.matrix[3][1]         0.0000000000 
_pdbx_struct_oper_list.matrix[3][2]         0.0000000000 
_pdbx_struct_oper_list.matrix[3][3]         1.0000000000 
_pdbx_struct_oper_list.vector[3]            0.0000000000 
# 
loop_
_pdbx_struct_special_symmetry.id 
_pdbx_struct_special_symmetry.PDB_model_num 
_pdbx_struct_special_symmetry.auth_asym_id 
_pdbx_struct_special_symmetry.auth_comp_id 
_pdbx_struct_special_symmetry.auth_seq_id 
_pdbx_struct_special_symmetry.PDB_ins_code 
_pdbx_struct_special_symmetry.label_asym_id 
_pdbx_struct_special_symmetry.label_comp_id 
_pdbx_struct_special_symmetry.label_seq_id 
1 1 A ZN  902 ? C ZN  . 
2 1 A HOH 15  ? D HOH . 
# 
_pdbx_struct_conn_angle.id                    1 
_pdbx_struct_conn_angle.ptnr1_label_atom_id   ND1 
_pdbx_struct_conn_angle.ptnr1_label_alt_id    ? 
_pdbx_struct_conn_angle.ptnr1_label_asym_id   A 
_pdbx_struct_conn_angle.ptnr1_label_comp_id   HIS 
_pdbx_struct_conn_angle.ptnr1_label_seq_id    8 
_pdbx_struct_conn_angle.ptnr1_auth_atom_id    ? 
_pdbx_struct_conn_angle.ptnr1_auth_asym_id    A 
_pdbx_struct_conn_angle.ptnr1_auth_comp_id    HIS 
_pdbx_struct_conn_angle.ptnr1_auth_seq_id     645 
_pdbx_struct_conn_angle.ptnr1_PDB_ins_code    ? 
_pdbx_struct_conn_angle.ptnr1_symmetry        1_555 
_pdbx_struct_conn_angle.ptnr2_label_atom_id   ZN 
_pdbx_struct_conn_angle.ptnr2_label_alt_id    ? 
_pdbx_struct_conn_angle.ptnr2_label_asym_id   C 
_pdbx_struct_conn_angle.ptnr2_label_comp_id   ZN 
_pdbx_struct_conn_angle.ptnr2_label_seq_id    . 
_pdbx_struct_conn_angle.ptnr2_auth_atom_id    ? 
_pdbx_struct_conn_angle.ptnr2_auth_asym_id    A 
_pdbx_struct_conn_angle.ptnr2_auth_comp_id    ZN 
_pdbx_struct_conn_angle.ptnr2_auth_seq_id     902 
_pdbx_struct_conn_angle.ptnr2_PDB_ins_code    ? 
_pdbx_struct_conn_angle.ptnr2_symmetry        1_555 
_pdbx_struct_conn_angle.ptnr3_label_atom_id   OE2 
_pdbx_struct_conn_angle.ptnr3_label_alt_id    ? 
_pdbx_struct_conn_angle.ptnr3_label_asym_id   A 
_pdbx_struct_conn_angle.ptnr3_label_comp_id   GLU 
_pdbx_struct_conn_angle.ptnr3_label_seq_id    77 
_pdbx_struct_conn_angle.ptnr3_auth_atom_id    ? 
_pdbx_struct_conn_angle.ptnr3_auth_asym_id    A 
_pdbx_struct_conn_angle.ptnr3_auth_comp_id    GLU 
_pdbx_struct_conn_angle.ptnr3_auth_seq_id     714 
_pdbx_struct_conn_angle.ptnr3_PDB_ins_code    ? 
_pdbx_struct_conn_angle.ptnr3_symmetry        1_555 
_pdbx_struct_conn_angle.value                 116.8 
_pdbx_struct_conn_angle.value_esd             ? 
# 
loop_
_pdbx_audit_revision_history.ordinal 
_pdbx_audit_revision_history.data_content_type 
_pdbx_audit_revision_history.major_revision 
_pdbx_audit_revision_history.minor_revision 
_pdbx_audit_revision_history.revision_date 
1 'Structure model' 1 0 2008-01-08 
2 'Structure model' 1 1 2011-07-13 
3 'Structure model' 1 2 2017-10-25 
4 'Structure model' 1 3 2021-10-20 
5 'Structure model' 1 4 2023-08-30 
# 
_pdbx_audit_revision_details.ordinal             1 
_pdbx_audit_revision_details.revision_ordinal    1 
_pdbx_audit_revision_details.data_content_type   'Structure model' 
_pdbx_audit_revision_details.provider            repository 
_pdbx_audit_revision_details.type                'Initial release' 
_pdbx_audit_revision_details.description         ? 
_pdbx_audit_revision_details.details             ? 
# 
loop_
_pdbx_audit_revision_group.ordinal 
_pdbx_audit_revision_group.revision_ordinal 
_pdbx_audit_revision_group.data_content_type 
_pdbx_audit_revision_group.group 
1 2 'Structure model' Advisory                    
2 2 'Structure model' 'Version format compliance' 
3 3 'Structure model' 'Refinement description'    
4 4 'Structure model' 'Database references'       
5 4 'Structure model' 'Derived calculations'      
6 5 'Structure model' 'Data collection'           
7 5 'Structure model' 'Refinement description'    
# 
loop_
_pdbx_audit_revision_category.ordinal 
_pdbx_audit_revision_category.revision_ordinal 
_pdbx_audit_revision_category.data_content_type 
_pdbx_audit_revision_category.category 
1 3 'Structure model' software                      
2 4 'Structure model' database_2                    
3 4 'Structure model' pdbx_struct_special_symmetry  
4 4 'Structure model' struct_ref_seq_dif            
5 4 'Structure model' struct_site                   
6 5 'Structure model' chem_comp_atom                
7 5 'Structure model' chem_comp_bond                
8 5 'Structure model' pdbx_initial_refinement_model 
# 
loop_
_pdbx_audit_revision_item.ordinal 
_pdbx_audit_revision_item.revision_ordinal 
_pdbx_audit_revision_item.data_content_type 
_pdbx_audit_revision_item.item 
1 4 'Structure model' '_database_2.pdbx_DOI'                
2 4 'Structure model' '_database_2.pdbx_database_accession' 
3 4 'Structure model' '_struct_ref_seq_dif.details'         
4 4 'Structure model' '_struct_site.pdbx_auth_asym_id'      
5 4 'Structure model' '_struct_site.pdbx_auth_comp_id'      
6 4 'Structure model' '_struct_site.pdbx_auth_seq_id'       
# 
loop_
_pdbx_refine_tls.id 
_pdbx_refine_tls.details 
_pdbx_refine_tls.method 
_pdbx_refine_tls.origin_x 
_pdbx_refine_tls.origin_y 
_pdbx_refine_tls.origin_z 
_pdbx_refine_tls.T[1][1] 
_pdbx_refine_tls.T[2][2] 
_pdbx_refine_tls.T[3][3] 
_pdbx_refine_tls.T[1][2] 
_pdbx_refine_tls.T[1][3] 
_pdbx_refine_tls.T[2][3] 
_pdbx_refine_tls.L[1][1] 
_pdbx_refine_tls.L[2][2] 
_pdbx_refine_tls.L[3][3] 
_pdbx_refine_tls.L[1][2] 
_pdbx_refine_tls.L[1][3] 
_pdbx_refine_tls.L[2][3] 
_pdbx_refine_tls.S[1][1] 
_pdbx_refine_tls.S[1][2] 
_pdbx_refine_tls.S[1][3] 
_pdbx_refine_tls.S[2][1] 
_pdbx_refine_tls.S[2][2] 
_pdbx_refine_tls.S[2][3] 
_pdbx_refine_tls.S[3][1] 
_pdbx_refine_tls.S[3][2] 
_pdbx_refine_tls.S[3][3] 
_pdbx_refine_tls.pdbx_refine_id 
1 ? refined -4.8269 1.4992  7.2299  0.1217 0.0617 0.0852  -0.0027 0.0404 -0.0290 5.3491  6.8458 9.3582 -3.7384 4.8804  -6.2413 -0.1463 -0.3565 -0.0247 0.6405  0.1843  0.1702 -0.6121 0.0884 -0.0380 'X-RAY DIFFRACTION' 
2 ? refined -0.3681 7.2517  -7.4862 0.1304 0.0068 0.0339  -0.1316 0.0371 0.0572  12.4451 1.2828 5.0904 -2.5723 -0.7294 -1.7964 0.4773  -0.0190 0.6617  0.2929  -0.3912 0.0472 -0.4785 0.2280 -0.0861 'X-RAY DIFFRACTION' 
3 ? refined 6.1574  0.8513  0.4706  0.0316 0.2687 -0.0230 -0.1598 0.0348 -0.0084 5.7077  7.8119 7.2304 0.1490  1.9632  0.9177  -0.3278 0.3631  0.2114  -0.2296 0.6447  0.1416 -0.6720 1.1425 -0.3167 'X-RAY DIFFRACTION' 
4 ? refined -1.3053 -0.4248 3.2566  0.0897 0.0345 0.1018  0.0108  0.0245 0.0093  5.4845  3.6811 3.9105 2.0769  1.4987  0.4494  -0.0934 -0.0544 0.4358  -0.0281 -0.0198 0.1095 -0.3320 0.1391 0.1132  'X-RAY DIFFRACTION' 
5 ? refined -1.3710 -2.9274 -1.8640 0.0671 0.0535 0.0808  -0.0007 0.0182 0.0061  1.5827  1.1856 2.7064 -0.1975 -1.2756 -0.4287 -0.0136 0.0448  0.1171  0.0618  0.0049  0.0584 -0.1122 0.0148 0.0086  'X-RAY DIFFRACTION' 
# 
loop_
_pdbx_refine_tls_group.id 
_pdbx_refine_tls_group.refine_tls_id 
_pdbx_refine_tls_group.beg_auth_asym_id 
_pdbx_refine_tls_group.beg_auth_seq_id 
_pdbx_refine_tls_group.beg_label_asym_id 
_pdbx_refine_tls_group.beg_label_seq_id 
_pdbx_refine_tls_group.end_auth_asym_id 
_pdbx_refine_tls_group.end_auth_seq_id 
_pdbx_refine_tls_group.end_label_asym_id 
_pdbx_refine_tls_group.end_label_seq_id 
_pdbx_refine_tls_group.selection 
_pdbx_refine_tls_group.pdbx_refine_id 
_pdbx_refine_tls_group.selection_details 
1 1 A 638 A 1  A 647 A 10 ? 'X-RAY DIFFRACTION' ? 
2 2 A 648 A 11 A 656 A 19 ? 'X-RAY DIFFRACTION' ? 
3 3 A 657 A 20 A 677 A 40 ? 'X-RAY DIFFRACTION' ? 
4 4 A 678 A 41 A 691 A 54 ? 'X-RAY DIFFRACTION' ? 
5 5 A 692 A 55 A 725 A 88 ? 'X-RAY DIFFRACTION' ? 
# 
loop_
_software.name 
_software.classification 
_software.version 
_software.citation_id 
_software.pdbx_ordinal 
REFMAC refinement       5.4.0066 ? 1 
MOSFLM 'data reduction' .        ? 2 
SCALA  'data scaling'   .        ? 3 
PHASER phasing          .        ? 4 
# 
_pdbx_validate_close_contact.id               1 
_pdbx_validate_close_contact.PDB_model_num    1 
_pdbx_validate_close_contact.auth_atom_id_1   NE2 
_pdbx_validate_close_contact.auth_asym_id_1   A 
_pdbx_validate_close_contact.auth_comp_id_1   GLN 
_pdbx_validate_close_contact.auth_seq_id_1    720 
_pdbx_validate_close_contact.PDB_ins_code_1   ? 
_pdbx_validate_close_contact.label_alt_id_1   ? 
_pdbx_validate_close_contact.auth_atom_id_2   O 
_pdbx_validate_close_contact.auth_asym_id_2   A 
_pdbx_validate_close_contact.auth_comp_id_2   HOH 
_pdbx_validate_close_contact.auth_seq_id_2    90 
_pdbx_validate_close_contact.PDB_ins_code_2   ? 
_pdbx_validate_close_contact.label_alt_id_2   ? 
_pdbx_validate_close_contact.dist             1.94 
# 
_pdbx_validate_torsion.id              1 
_pdbx_validate_torsion.PDB_model_num   1 
_pdbx_validate_torsion.auth_comp_id    SER 
_pdbx_validate_torsion.auth_asym_id    A 
_pdbx_validate_torsion.auth_seq_id     677 
_pdbx_validate_torsion.PDB_ins_code    ? 
_pdbx_validate_torsion.label_alt_id    ? 
_pdbx_validate_torsion.phi             -95.49 
_pdbx_validate_torsion.psi             43.87 
# 
loop_
_pdbx_unobs_or_zero_occ_atoms.id 
_pdbx_unobs_or_zero_occ_atoms.PDB_model_num 
_pdbx_unobs_or_zero_occ_atoms.polymer_flag 
_pdbx_unobs_or_zero_occ_atoms.occupancy_flag 
_pdbx_unobs_or_zero_occ_atoms.auth_asym_id 
_pdbx_unobs_or_zero_occ_atoms.auth_comp_id 
_pdbx_unobs_or_zero_occ_atoms.auth_seq_id 
_pdbx_unobs_or_zero_occ_atoms.PDB_ins_code 
_pdbx_unobs_or_zero_occ_atoms.auth_atom_id 
_pdbx_unobs_or_zero_occ_atoms.label_alt_id 
_pdbx_unobs_or_zero_occ_atoms.label_asym_id 
_pdbx_unobs_or_zero_occ_atoms.label_comp_id 
_pdbx_unobs_or_zero_occ_atoms.label_seq_id 
_pdbx_unobs_or_zero_occ_atoms.label_atom_id 
1  1 Y 1 A VAL 672 ? CG1 ? A VAL 35 CG1 
2  1 Y 1 A VAL 672 ? CG2 ? A VAL 35 CG2 
3  1 Y 1 A SER 677 ? OG  ? A SER 40 OG  
4  1 Y 1 A ARG 678 ? CG  ? A ARG 41 CG  
5  1 Y 1 A ARG 678 ? CD  ? A ARG 41 CD  
6  1 Y 1 A ARG 678 ? NE  ? A ARG 41 NE  
7  1 Y 1 A ARG 678 ? CZ  ? A ARG 41 CZ  
8  1 Y 1 A ARG 678 ? NH1 ? A ARG 41 NH1 
9  1 Y 1 A ARG 678 ? NH2 ? A ARG 41 NH2 
10 1 Y 1 A LYS 681 ? CE  ? A LYS 44 CE  
11 1 Y 1 A LYS 681 ? NZ  ? A LYS 44 NZ  
12 1 Y 1 A LYS 691 ? NZ  ? A LYS 54 NZ  
13 1 Y 1 A LYS 711 ? CG  ? A LYS 74 CG  
14 1 Y 1 A LYS 711 ? CD  ? A LYS 74 CD  
15 1 Y 1 A LYS 711 ? CE  ? A LYS 74 CE  
16 1 Y 1 A LYS 711 ? NZ  ? A LYS 74 NZ  
17 1 Y 1 A ARG 724 ? CG  ? A ARG 87 CG  
18 1 Y 1 A ARG 724 ? CD  ? A ARG 87 CD  
19 1 Y 1 A ARG 724 ? NE  ? A ARG 87 NE  
20 1 Y 1 A ARG 724 ? CZ  ? A ARG 87 CZ  
21 1 Y 1 A ARG 724 ? NH1 ? A ARG 87 NH1 
22 1 Y 1 A ARG 724 ? NH2 ? A ARG 87 NH2 
23 1 Y 1 A LEU 725 ? CG  ? A LEU 88 CG  
24 1 Y 1 A LEU 725 ? CD1 ? A LEU 88 CD1 
25 1 Y 1 A LEU 725 ? CD2 ? A LEU 88 CD2 
# 
loop_
_pdbx_unobs_or_zero_occ_residues.id 
_pdbx_unobs_or_zero_occ_residues.PDB_model_num 
_pdbx_unobs_or_zero_occ_residues.polymer_flag 
_pdbx_unobs_or_zero_occ_residues.occupancy_flag 
_pdbx_unobs_or_zero_occ_residues.auth_asym_id 
_pdbx_unobs_or_zero_occ_residues.auth_comp_id 
_pdbx_unobs_or_zero_occ_residues.auth_seq_id 
_pdbx_unobs_or_zero_occ_residues.PDB_ins_code 
_pdbx_unobs_or_zero_occ_residues.label_asym_id 
_pdbx_unobs_or_zero_occ_residues.label_comp_id 
_pdbx_unobs_or_zero_occ_residues.label_seq_id 
1 1 Y 1 A SER 674 ? A SER 37 
2 1 Y 1 A PRO 675 ? A PRO 38 
# 
loop_
_chem_comp_atom.comp_id 
_chem_comp_atom.atom_id 
_chem_comp_atom.type_symbol 
_chem_comp_atom.pdbx_aromatic_flag 
_chem_comp_atom.pdbx_stereo_config 
_chem_comp_atom.pdbx_ordinal 
ALA N    N  N N 1   
ALA CA   C  N S 2   
ALA C    C  N N 3   
ALA O    O  N N 4   
ALA CB   C  N N 5   
ALA OXT  O  N N 6   
ALA H    H  N N 7   
ALA H2   H  N N 8   
ALA HA   H  N N 9   
ALA HB1  H  N N 10  
ALA HB2  H  N N 11  
ALA HB3  H  N N 12  
ALA HXT  H  N N 13  
ARG N    N  N N 14  
ARG CA   C  N S 15  
ARG C    C  N N 16  
ARG O    O  N N 17  
ARG CB   C  N N 18  
ARG CG   C  N N 19  
ARG CD   C  N N 20  
ARG NE   N  N N 21  
ARG CZ   C  N N 22  
ARG NH1  N  N N 23  
ARG NH2  N  N N 24  
ARG OXT  O  N N 25  
ARG H    H  N N 26  
ARG H2   H  N N 27  
ARG HA   H  N N 28  
ARG HB2  H  N N 29  
ARG HB3  H  N N 30  
ARG HG2  H  N N 31  
ARG HG3  H  N N 32  
ARG HD2  H  N N 33  
ARG HD3  H  N N 34  
ARG HE   H  N N 35  
ARG HH11 H  N N 36  
ARG HH12 H  N N 37  
ARG HH21 H  N N 38  
ARG HH22 H  N N 39  
ARG HXT  H  N N 40  
ASN N    N  N N 41  
ASN CA   C  N S 42  
ASN C    C  N N 43  
ASN O    O  N N 44  
ASN CB   C  N N 45  
ASN CG   C  N N 46  
ASN OD1  O  N N 47  
ASN ND2  N  N N 48  
ASN OXT  O  N N 49  
ASN H    H  N N 50  
ASN H2   H  N N 51  
ASN HA   H  N N 52  
ASN HB2  H  N N 53  
ASN HB3  H  N N 54  
ASN HD21 H  N N 55  
ASN HD22 H  N N 56  
ASN HXT  H  N N 57  
ASP N    N  N N 58  
ASP CA   C  N S 59  
ASP C    C  N N 60  
ASP O    O  N N 61  
ASP CB   C  N N 62  
ASP CG   C  N N 63  
ASP OD1  O  N N 64  
ASP OD2  O  N N 65  
ASP OXT  O  N N 66  
ASP H    H  N N 67  
ASP H2   H  N N 68  
ASP HA   H  N N 69  
ASP HB2  H  N N 70  
ASP HB3  H  N N 71  
ASP HD2  H  N N 72  
ASP HXT  H  N N 73  
CYS N    N  N N 74  
CYS CA   C  N R 75  
CYS C    C  N N 76  
CYS O    O  N N 77  
CYS CB   C  N N 78  
CYS SG   S  N N 79  
CYS OXT  O  N N 80  
CYS H    H  N N 81  
CYS H2   H  N N 82  
CYS HA   H  N N 83  
CYS HB2  H  N N 84  
CYS HB3  H  N N 85  
CYS HG   H  N N 86  
CYS HXT  H  N N 87  
GLN N    N  N N 88  
GLN CA   C  N S 89  
GLN C    C  N N 90  
GLN O    O  N N 91  
GLN CB   C  N N 92  
GLN CG   C  N N 93  
GLN CD   C  N N 94  
GLN OE1  O  N N 95  
GLN NE2  N  N N 96  
GLN OXT  O  N N 97  
GLN H    H  N N 98  
GLN H2   H  N N 99  
GLN HA   H  N N 100 
GLN HB2  H  N N 101 
GLN HB3  H  N N 102 
GLN HG2  H  N N 103 
GLN HG3  H  N N 104 
GLN HE21 H  N N 105 
GLN HE22 H  N N 106 
GLN HXT  H  N N 107 
GLU N    N  N N 108 
GLU CA   C  N S 109 
GLU C    C  N N 110 
GLU O    O  N N 111 
GLU CB   C  N N 112 
GLU CG   C  N N 113 
GLU CD   C  N N 114 
GLU OE1  O  N N 115 
GLU OE2  O  N N 116 
GLU OXT  O  N N 117 
GLU H    H  N N 118 
GLU H2   H  N N 119 
GLU HA   H  N N 120 
GLU HB2  H  N N 121 
GLU HB3  H  N N 122 
GLU HG2  H  N N 123 
GLU HG3  H  N N 124 
GLU HE2  H  N N 125 
GLU HXT  H  N N 126 
GLY N    N  N N 127 
GLY CA   C  N N 128 
GLY C    C  N N 129 
GLY O    O  N N 130 
GLY OXT  O  N N 131 
GLY H    H  N N 132 
GLY H2   H  N N 133 
GLY HA2  H  N N 134 
GLY HA3  H  N N 135 
GLY HXT  H  N N 136 
HIS N    N  N N 137 
HIS CA   C  N S 138 
HIS C    C  N N 139 
HIS O    O  N N 140 
HIS CB   C  N N 141 
HIS CG   C  Y N 142 
HIS ND1  N  Y N 143 
HIS CD2  C  Y N 144 
HIS CE1  C  Y N 145 
HIS NE2  N  Y N 146 
HIS OXT  O  N N 147 
HIS H    H  N N 148 
HIS H2   H  N N 149 
HIS HA   H  N N 150 
HIS HB2  H  N N 151 
HIS HB3  H  N N 152 
HIS HD1  H  N N 153 
HIS HD2  H  N N 154 
HIS HE1  H  N N 155 
HIS HE2  H  N N 156 
HIS HXT  H  N N 157 
HOH O    O  N N 158 
HOH H1   H  N N 159 
HOH H2   H  N N 160 
ILE N    N  N N 161 
ILE CA   C  N S 162 
ILE C    C  N N 163 
ILE O    O  N N 164 
ILE CB   C  N S 165 
ILE CG1  C  N N 166 
ILE CG2  C  N N 167 
ILE CD1  C  N N 168 
ILE OXT  O  N N 169 
ILE H    H  N N 170 
ILE H2   H  N N 171 
ILE HA   H  N N 172 
ILE HB   H  N N 173 
ILE HG12 H  N N 174 
ILE HG13 H  N N 175 
ILE HG21 H  N N 176 
ILE HG22 H  N N 177 
ILE HG23 H  N N 178 
ILE HD11 H  N N 179 
ILE HD12 H  N N 180 
ILE HD13 H  N N 181 
ILE HXT  H  N N 182 
LEU N    N  N N 183 
LEU CA   C  N S 184 
LEU C    C  N N 185 
LEU O    O  N N 186 
LEU CB   C  N N 187 
LEU CG   C  N N 188 
LEU CD1  C  N N 189 
LEU CD2  C  N N 190 
LEU OXT  O  N N 191 
LEU H    H  N N 192 
LEU H2   H  N N 193 
LEU HA   H  N N 194 
LEU HB2  H  N N 195 
LEU HB3  H  N N 196 
LEU HG   H  N N 197 
LEU HD11 H  N N 198 
LEU HD12 H  N N 199 
LEU HD13 H  N N 200 
LEU HD21 H  N N 201 
LEU HD22 H  N N 202 
LEU HD23 H  N N 203 
LEU HXT  H  N N 204 
LYS N    N  N N 205 
LYS CA   C  N S 206 
LYS C    C  N N 207 
LYS O    O  N N 208 
LYS CB   C  N N 209 
LYS CG   C  N N 210 
LYS CD   C  N N 211 
LYS CE   C  N N 212 
LYS NZ   N  N N 213 
LYS OXT  O  N N 214 
LYS H    H  N N 215 
LYS H2   H  N N 216 
LYS HA   H  N N 217 
LYS HB2  H  N N 218 
LYS HB3  H  N N 219 
LYS HG2  H  N N 220 
LYS HG3  H  N N 221 
LYS HD2  H  N N 222 
LYS HD3  H  N N 223 
LYS HE2  H  N N 224 
LYS HE3  H  N N 225 
LYS HZ1  H  N N 226 
LYS HZ2  H  N N 227 
LYS HZ3  H  N N 228 
LYS HXT  H  N N 229 
MET N    N  N N 230 
MET CA   C  N S 231 
MET C    C  N N 232 
MET O    O  N N 233 
MET CB   C  N N 234 
MET CG   C  N N 235 
MET SD   S  N N 236 
MET CE   C  N N 237 
MET OXT  O  N N 238 
MET H    H  N N 239 
MET H2   H  N N 240 
MET HA   H  N N 241 
MET HB2  H  N N 242 
MET HB3  H  N N 243 
MET HG2  H  N N 244 
MET HG3  H  N N 245 
MET HE1  H  N N 246 
MET HE2  H  N N 247 
MET HE3  H  N N 248 
MET HXT  H  N N 249 
PHE N    N  N N 250 
PHE CA   C  N S 251 
PHE C    C  N N 252 
PHE O    O  N N 253 
PHE CB   C  N N 254 
PHE CG   C  Y N 255 
PHE CD1  C  Y N 256 
PHE CD2  C  Y N 257 
PHE CE1  C  Y N 258 
PHE CE2  C  Y N 259 
PHE CZ   C  Y N 260 
PHE OXT  O  N N 261 
PHE H    H  N N 262 
PHE H2   H  N N 263 
PHE HA   H  N N 264 
PHE HB2  H  N N 265 
PHE HB3  H  N N 266 
PHE HD1  H  N N 267 
PHE HD2  H  N N 268 
PHE HE1  H  N N 269 
PHE HE2  H  N N 270 
PHE HZ   H  N N 271 
PHE HXT  H  N N 272 
PRO N    N  N N 273 
PRO CA   C  N S 274 
PRO C    C  N N 275 
PRO O    O  N N 276 
PRO CB   C  N N 277 
PRO CG   C  N N 278 
PRO CD   C  N N 279 
PRO OXT  O  N N 280 
PRO H    H  N N 281 
PRO HA   H  N N 282 
PRO HB2  H  N N 283 
PRO HB3  H  N N 284 
PRO HG2  H  N N 285 
PRO HG3  H  N N 286 
PRO HD2  H  N N 287 
PRO HD3  H  N N 288 
PRO HXT  H  N N 289 
SER N    N  N N 290 
SER CA   C  N S 291 
SER C    C  N N 292 
SER O    O  N N 293 
SER CB   C  N N 294 
SER OG   O  N N 295 
SER OXT  O  N N 296 
SER H    H  N N 297 
SER H2   H  N N 298 
SER HA   H  N N 299 
SER HB2  H  N N 300 
SER HB3  H  N N 301 
SER HG   H  N N 302 
SER HXT  H  N N 303 
THR N    N  N N 304 
THR CA   C  N S 305 
THR C    C  N N 306 
THR O    O  N N 307 
THR CB   C  N R 308 
THR OG1  O  N N 309 
THR CG2  C  N N 310 
THR OXT  O  N N 311 
THR H    H  N N 312 
THR H2   H  N N 313 
THR HA   H  N N 314 
THR HB   H  N N 315 
THR HG1  H  N N 316 
THR HG21 H  N N 317 
THR HG22 H  N N 318 
THR HG23 H  N N 319 
THR HXT  H  N N 320 
VAL N    N  N N 321 
VAL CA   C  N S 322 
VAL C    C  N N 323 
VAL O    O  N N 324 
VAL CB   C  N N 325 
VAL CG1  C  N N 326 
VAL CG2  C  N N 327 
VAL OXT  O  N N 328 
VAL H    H  N N 329 
VAL H2   H  N N 330 
VAL HA   H  N N 331 
VAL HB   H  N N 332 
VAL HG11 H  N N 333 
VAL HG12 H  N N 334 
VAL HG13 H  N N 335 
VAL HG21 H  N N 336 
VAL HG22 H  N N 337 
VAL HG23 H  N N 338 
VAL HXT  H  N N 339 
ZN  ZN   ZN N N 340 
# 
loop_
_chem_comp_bond.comp_id 
_chem_comp_bond.atom_id_1 
_chem_comp_bond.atom_id_2 
_chem_comp_bond.value_order 
_chem_comp_bond.pdbx_aromatic_flag 
_chem_comp_bond.pdbx_stereo_config 
_chem_comp_bond.pdbx_ordinal 
ALA N   CA   sing N N 1   
ALA N   H    sing N N 2   
ALA N   H2   sing N N 3   
ALA CA  C    sing N N 4   
ALA CA  CB   sing N N 5   
ALA CA  HA   sing N N 6   
ALA C   O    doub N N 7   
ALA C   OXT  sing N N 8   
ALA CB  HB1  sing N N 9   
ALA CB  HB2  sing N N 10  
ALA CB  HB3  sing N N 11  
ALA OXT HXT  sing N N 12  
ARG N   CA   sing N N 13  
ARG N   H    sing N N 14  
ARG N   H2   sing N N 15  
ARG CA  C    sing N N 16  
ARG CA  CB   sing N N 17  
ARG CA  HA   sing N N 18  
ARG C   O    doub N N 19  
ARG C   OXT  sing N N 20  
ARG CB  CG   sing N N 21  
ARG CB  HB2  sing N N 22  
ARG CB  HB3  sing N N 23  
ARG CG  CD   sing N N 24  
ARG CG  HG2  sing N N 25  
ARG CG  HG3  sing N N 26  
ARG CD  NE   sing N N 27  
ARG CD  HD2  sing N N 28  
ARG CD  HD3  sing N N 29  
ARG NE  CZ   sing N N 30  
ARG NE  HE   sing N N 31  
ARG CZ  NH1  sing N N 32  
ARG CZ  NH2  doub N N 33  
ARG NH1 HH11 sing N N 34  
ARG NH1 HH12 sing N N 35  
ARG NH2 HH21 sing N N 36  
ARG NH2 HH22 sing N N 37  
ARG OXT HXT  sing N N 38  
ASN N   CA   sing N N 39  
ASN N   H    sing N N 40  
ASN N   H2   sing N N 41  
ASN CA  C    sing N N 42  
ASN CA  CB   sing N N 43  
ASN CA  HA   sing N N 44  
ASN C   O    doub N N 45  
ASN C   OXT  sing N N 46  
ASN CB  CG   sing N N 47  
ASN CB  HB2  sing N N 48  
ASN CB  HB3  sing N N 49  
ASN CG  OD1  doub N N 50  
ASN CG  ND2  sing N N 51  
ASN ND2 HD21 sing N N 52  
ASN ND2 HD22 sing N N 53  
ASN OXT HXT  sing N N 54  
ASP N   CA   sing N N 55  
ASP N   H    sing N N 56  
ASP N   H2   sing N N 57  
ASP CA  C    sing N N 58  
ASP CA  CB   sing N N 59  
ASP CA  HA   sing N N 60  
ASP C   O    doub N N 61  
ASP C   OXT  sing N N 62  
ASP CB  CG   sing N N 63  
ASP CB  HB2  sing N N 64  
ASP CB  HB3  sing N N 65  
ASP CG  OD1  doub N N 66  
ASP CG  OD2  sing N N 67  
ASP OD2 HD2  sing N N 68  
ASP OXT HXT  sing N N 69  
CYS N   CA   sing N N 70  
CYS N   H    sing N N 71  
CYS N   H2   sing N N 72  
CYS CA  C    sing N N 73  
CYS CA  CB   sing N N 74  
CYS CA  HA   sing N N 75  
CYS C   O    doub N N 76  
CYS C   OXT  sing N N 77  
CYS CB  SG   sing N N 78  
CYS CB  HB2  sing N N 79  
CYS CB  HB3  sing N N 80  
CYS SG  HG   sing N N 81  
CYS OXT HXT  sing N N 82  
GLN N   CA   sing N N 83  
GLN N   H    sing N N 84  
GLN N   H2   sing N N 85  
GLN CA  C    sing N N 86  
GLN CA  CB   sing N N 87  
GLN CA  HA   sing N N 88  
GLN C   O    doub N N 89  
GLN C   OXT  sing N N 90  
GLN CB  CG   sing N N 91  
GLN CB  HB2  sing N N 92  
GLN CB  HB3  sing N N 93  
GLN CG  CD   sing N N 94  
GLN CG  HG2  sing N N 95  
GLN CG  HG3  sing N N 96  
GLN CD  OE1  doub N N 97  
GLN CD  NE2  sing N N 98  
GLN NE2 HE21 sing N N 99  
GLN NE2 HE22 sing N N 100 
GLN OXT HXT  sing N N 101 
GLU N   CA   sing N N 102 
GLU N   H    sing N N 103 
GLU N   H2   sing N N 104 
GLU CA  C    sing N N 105 
GLU CA  CB   sing N N 106 
GLU CA  HA   sing N N 107 
GLU C   O    doub N N 108 
GLU C   OXT  sing N N 109 
GLU CB  CG   sing N N 110 
GLU CB  HB2  sing N N 111 
GLU CB  HB3  sing N N 112 
GLU CG  CD   sing N N 113 
GLU CG  HG2  sing N N 114 
GLU CG  HG3  sing N N 115 
GLU CD  OE1  doub N N 116 
GLU CD  OE2  sing N N 117 
GLU OE2 HE2  sing N N 118 
GLU OXT HXT  sing N N 119 
GLY N   CA   sing N N 120 
GLY N   H    sing N N 121 
GLY N   H2   sing N N 122 
GLY CA  C    sing N N 123 
GLY CA  HA2  sing N N 124 
GLY CA  HA3  sing N N 125 
GLY C   O    doub N N 126 
GLY C   OXT  sing N N 127 
GLY OXT HXT  sing N N 128 
HIS N   CA   sing N N 129 
HIS N   H    sing N N 130 
HIS N   H2   sing N N 131 
HIS CA  C    sing N N 132 
HIS CA  CB   sing N N 133 
HIS CA  HA   sing N N 134 
HIS C   O    doub N N 135 
HIS C   OXT  sing N N 136 
HIS CB  CG   sing N N 137 
HIS CB  HB2  sing N N 138 
HIS CB  HB3  sing N N 139 
HIS CG  ND1  sing Y N 140 
HIS CG  CD2  doub Y N 141 
HIS ND1 CE1  doub Y N 142 
HIS ND1 HD1  sing N N 143 
HIS CD2 NE2  sing Y N 144 
HIS CD2 HD2  sing N N 145 
HIS CE1 NE2  sing Y N 146 
HIS CE1 HE1  sing N N 147 
HIS NE2 HE2  sing N N 148 
HIS OXT HXT  sing N N 149 
HOH O   H1   sing N N 150 
HOH O   H2   sing N N 151 
ILE N   CA   sing N N 152 
ILE N   H    sing N N 153 
ILE N   H2   sing N N 154 
ILE CA  C    sing N N 155 
ILE CA  CB   sing N N 156 
ILE CA  HA   sing N N 157 
ILE C   O    doub N N 158 
ILE C   OXT  sing N N 159 
ILE CB  CG1  sing N N 160 
ILE CB  CG2  sing N N 161 
ILE CB  HB   sing N N 162 
ILE CG1 CD1  sing N N 163 
ILE CG1 HG12 sing N N 164 
ILE CG1 HG13 sing N N 165 
ILE CG2 HG21 sing N N 166 
ILE CG2 HG22 sing N N 167 
ILE CG2 HG23 sing N N 168 
ILE CD1 HD11 sing N N 169 
ILE CD1 HD12 sing N N 170 
ILE CD1 HD13 sing N N 171 
ILE OXT HXT  sing N N 172 
LEU N   CA   sing N N 173 
LEU N   H    sing N N 174 
LEU N   H2   sing N N 175 
LEU CA  C    sing N N 176 
LEU CA  CB   sing N N 177 
LEU CA  HA   sing N N 178 
LEU C   O    doub N N 179 
LEU C   OXT  sing N N 180 
LEU CB  CG   sing N N 181 
LEU CB  HB2  sing N N 182 
LEU CB  HB3  sing N N 183 
LEU CG  CD1  sing N N 184 
LEU CG  CD2  sing N N 185 
LEU CG  HG   sing N N 186 
LEU CD1 HD11 sing N N 187 
LEU CD1 HD12 sing N N 188 
LEU CD1 HD13 sing N N 189 
LEU CD2 HD21 sing N N 190 
LEU CD2 HD22 sing N N 191 
LEU CD2 HD23 sing N N 192 
LEU OXT HXT  sing N N 193 
LYS N   CA   sing N N 194 
LYS N   H    sing N N 195 
LYS N   H2   sing N N 196 
LYS CA  C    sing N N 197 
LYS CA  CB   sing N N 198 
LYS CA  HA   sing N N 199 
LYS C   O    doub N N 200 
LYS C   OXT  sing N N 201 
LYS CB  CG   sing N N 202 
LYS CB  HB2  sing N N 203 
LYS CB  HB3  sing N N 204 
LYS CG  CD   sing N N 205 
LYS CG  HG2  sing N N 206 
LYS CG  HG3  sing N N 207 
LYS CD  CE   sing N N 208 
LYS CD  HD2  sing N N 209 
LYS CD  HD3  sing N N 210 
LYS CE  NZ   sing N N 211 
LYS CE  HE2  sing N N 212 
LYS CE  HE3  sing N N 213 
LYS NZ  HZ1  sing N N 214 
LYS NZ  HZ2  sing N N 215 
LYS NZ  HZ3  sing N N 216 
LYS OXT HXT  sing N N 217 
MET N   CA   sing N N 218 
MET N   H    sing N N 219 
MET N   H2   sing N N 220 
MET CA  C    sing N N 221 
MET CA  CB   sing N N 222 
MET CA  HA   sing N N 223 
MET C   O    doub N N 224 
MET C   OXT  sing N N 225 
MET CB  CG   sing N N 226 
MET CB  HB2  sing N N 227 
MET CB  HB3  sing N N 228 
MET CG  SD   sing N N 229 
MET CG  HG2  sing N N 230 
MET CG  HG3  sing N N 231 
MET SD  CE   sing N N 232 
MET CE  HE1  sing N N 233 
MET CE  HE2  sing N N 234 
MET CE  HE3  sing N N 235 
MET OXT HXT  sing N N 236 
PHE N   CA   sing N N 237 
PHE N   H    sing N N 238 
PHE N   H2   sing N N 239 
PHE CA  C    sing N N 240 
PHE CA  CB   sing N N 241 
PHE CA  HA   sing N N 242 
PHE C   O    doub N N 243 
PHE C   OXT  sing N N 244 
PHE CB  CG   sing N N 245 
PHE CB  HB2  sing N N 246 
PHE CB  HB3  sing N N 247 
PHE CG  CD1  doub Y N 248 
PHE CG  CD2  sing Y N 249 
PHE CD1 CE1  sing Y N 250 
PHE CD1 HD1  sing N N 251 
PHE CD2 CE2  doub Y N 252 
PHE CD2 HD2  sing N N 253 
PHE CE1 CZ   doub Y N 254 
PHE CE1 HE1  sing N N 255 
PHE CE2 CZ   sing Y N 256 
PHE CE2 HE2  sing N N 257 
PHE CZ  HZ   sing N N 258 
PHE OXT HXT  sing N N 259 
PRO N   CA   sing N N 260 
PRO N   CD   sing N N 261 
PRO N   H    sing N N 262 
PRO CA  C    sing N N 263 
PRO CA  CB   sing N N 264 
PRO CA  HA   sing N N 265 
PRO C   O    doub N N 266 
PRO C   OXT  sing N N 267 
PRO CB  CG   sing N N 268 
PRO CB  HB2  sing N N 269 
PRO CB  HB3  sing N N 270 
PRO CG  CD   sing N N 271 
PRO CG  HG2  sing N N 272 
PRO CG  HG3  sing N N 273 
PRO CD  HD2  sing N N 274 
PRO CD  HD3  sing N N 275 
PRO OXT HXT  sing N N 276 
SER N   CA   sing N N 277 
SER N   H    sing N N 278 
SER N   H2   sing N N 279 
SER CA  C    sing N N 280 
SER CA  CB   sing N N 281 
SER CA  HA   sing N N 282 
SER C   O    doub N N 283 
SER C   OXT  sing N N 284 
SER CB  OG   sing N N 285 
SER CB  HB2  sing N N 286 
SER CB  HB3  sing N N 287 
SER OG  HG   sing N N 288 
SER OXT HXT  sing N N 289 
THR N   CA   sing N N 290 
THR N   H    sing N N 291 
THR N   H2   sing N N 292 
THR CA  C    sing N N 293 
THR CA  CB   sing N N 294 
THR CA  HA   sing N N 295 
THR C   O    doub N N 296 
THR C   OXT  sing N N 297 
THR CB  OG1  sing N N 298 
THR CB  CG2  sing N N 299 
THR CB  HB   sing N N 300 
THR OG1 HG1  sing N N 301 
THR CG2 HG21 sing N N 302 
THR CG2 HG22 sing N N 303 
THR CG2 HG23 sing N N 304 
THR OXT HXT  sing N N 305 
VAL N   CA   sing N N 306 
VAL N   H    sing N N 307 
VAL N   H2   sing N N 308 
VAL CA  C    sing N N 309 
VAL CA  CB   sing N N 310 
VAL CA  HA   sing N N 311 
VAL C   O    doub N N 312 
VAL C   OXT  sing N N 313 
VAL CB  CG1  sing N N 314 
VAL CB  CG2  sing N N 315 
VAL CB  HB   sing N N 316 
VAL CG1 HG11 sing N N 317 
VAL CG1 HG12 sing N N 318 
VAL CG1 HG13 sing N N 319 
VAL CG2 HG21 sing N N 320 
VAL CG2 HG22 sing N N 321 
VAL CG2 HG23 sing N N 322 
VAL OXT HXT  sing N N 323 
# 
loop_
_pdbx_entity_nonpoly.entity_id 
_pdbx_entity_nonpoly.name 
_pdbx_entity_nonpoly.comp_id 
2 'ZINC ION' ZN  
3 water      HOH 
# 
loop_
_pdbx_initial_refinement_model.id 
_pdbx_initial_refinement_model.entity_id_list 
_pdbx_initial_refinement_model.type 
_pdbx_initial_refinement_model.source_name 
_pdbx_initial_refinement_model.accession_code 
_pdbx_initial_refinement_model.details 
1 ? 'experimental model' PDB 1UJV 'PDB entries 1UJV, 1G9O' 
2 ? 'experimental model' PDB 1G9O 'PDB entries 1UJV, 1G9O' 
# 
